data_8XSE
#
_entry.id   8XSE
#
_cell.length_a   1.00
_cell.length_b   1.00
_cell.length_c   1.00
_cell.angle_alpha   90.00
_cell.angle_beta   90.00
_cell.angle_gamma   90.00
#
_symmetry.space_group_name_H-M   'P 1'
#
loop_
_entity.id
_entity.type
_entity.pdbx_description
1 polymer 'Spike protein S1'
2 polymer 'IMCAS-123 H chain'
3 polymer 'IMCAS-123 L chain'
4 polymer 'IMCAS-72 H chain'
5 polymer 'IMCAS-72 L chain'
6 non-polymer 2-acetamido-2-deoxy-beta-D-glucopyranose
#
loop_
_entity_poly.entity_id
_entity_poly.type
_entity_poly.pdbx_seq_one_letter_code
_entity_poly.pdbx_strand_id
1 'polypeptide(L)'
;RVQPTESIVRFPNITNLCPFGEVFNATRFASVYAWNRKRISNCVADYSVLYNSASFSTFKCYGVSPTKLNDLCFTNVYAD
SFVIRGDEVRQIAPGQTGKIADYNYKLPDDFTGCVIAWNSNNLDSKVGGNYNYLYRLFRKSNLKPFERDISTEIYQAGST
PCNGVEGFNCYFPLQSYGFQPTNGVGYQPYRVVVLSFELLHAPATVCGP
;
A
2 'polypeptide(L)'
;QVQLVESGGGLVQPGGSLRLSCAASGFTFSSYAMSWVRQAPGKGLEWVSAISGSGGSTYYADSVKGRFTISRDNSKNTLY
LQMNSLRAEDTAVYYCAKDHLITMVQPEYFHHWGQGTLVTVSSASTKGPSVFPLAPSSKSTSGGTAALGCLVKDYFPEPV
TVSWNSGALTSGVHTFPAVLQSSGLYSLSSVVTVPSSSLGTQTYICNVNHKPSNTKVDKRVEPKSC
;
H
3 'polypeptide(L)'
;DIQMTQSPSSVSASVGDSVTITCRASQGISRWLAWYQQRPGKAPKLLIYAAGNLETGVPSRFSGSGSGTDFTLTISDLQA
EDFATYYCQQADSFPLTFGGGTKVDIKRTVAAPSVFIFPPSDEQLKSGTASVVCLLNNFYPREAKVQWKVDNALQSGNSQ
ESVTEQDSKDSTYSLSSTLTLSKADYEKHKVYACEVTHQGLSSPVTKSFNRGECS
;
L
4 'polypeptide(L)'
;QVQLVESGGGLVQPGGSLRLSCAASGFTFSSYGMHWVRQAPGKGLEWVAVISYDGSDKYYADSVKGRFTISRDNSKNTLY
LQMNSLRAEDTAVYYCARDRDRFGDQGGWFDPWGQGTLVTVSSASTKGPSVFPLAPSSKSTSGGTAALGCLVKDYFPEPV
TVSWNSGALTSGVHTFPAVLQSSGLYSLSSVVTVPSSSLGTQTYICNVNHKPSNTKVDKRVEPKSC
;
M
5 'polypeptide(L)'
;DIQMTQSPSSLSASVGDRVTITCRASQSISSYLNWYQQKPGKAPKLLIYAASSLQSGVPSRFSGSGSGTDFTLTISSLQP
EDFATYYCQQSYSTPFTFGPGTKVDIKRTVAAPSVFIFPPSDEQLKSGTASVVCLLNNFYPREAKVQWKVDNALQSGNSQ
ESVTEQDSKDSTYSLSSTLTLSKADYEKHKVYACEVTHQGLSSPVTKSFNRGECS
;
N
#
# COMPACT_ATOMS: atom_id res chain seq x y z
N THR A 15 24.84 -14.53 43.57
CA THR A 15 24.59 -15.22 42.30
C THR A 15 23.64 -14.42 41.42
N ASN A 16 24.19 -13.43 40.72
CA ASN A 16 23.41 -12.58 39.82
C ASN A 16 23.57 -13.07 38.39
N LEU A 17 22.45 -13.39 37.74
CA LEU A 17 22.47 -13.86 36.37
C LEU A 17 22.61 -12.68 35.41
N CYS A 18 23.42 -12.86 34.38
CA CYS A 18 23.63 -11.79 33.42
C CYS A 18 22.36 -11.58 32.60
N PRO A 19 21.86 -10.36 32.48
CA PRO A 19 20.54 -10.12 31.84
C PRO A 19 20.59 -10.21 30.32
N PHE A 20 20.76 -11.44 29.82
CA PHE A 20 20.70 -11.67 28.38
C PHE A 20 19.27 -11.80 27.86
N GLY A 21 18.29 -11.99 28.75
CA GLY A 21 16.92 -12.09 28.30
C GLY A 21 16.39 -10.79 27.74
N GLU A 22 16.79 -9.66 28.32
CA GLU A 22 16.33 -8.37 27.85
C GLU A 22 16.90 -8.02 26.48
N VAL A 23 17.99 -8.65 26.07
CA VAL A 23 18.61 -8.37 24.78
C VAL A 23 18.09 -9.31 23.70
N PHE A 24 18.16 -10.62 23.95
CA PHE A 24 17.76 -11.60 22.94
C PHE A 24 16.24 -11.67 22.81
N ASN A 25 15.52 -11.65 23.94
CA ASN A 25 14.07 -11.83 23.94
C ASN A 25 13.32 -10.51 23.98
N ALA A 26 13.95 -9.42 23.56
CA ALA A 26 13.28 -8.13 23.53
C ALA A 26 12.14 -8.15 22.50
N THR A 27 11.13 -7.34 22.76
CA THR A 27 9.95 -7.31 21.91
C THR A 27 10.19 -6.52 20.63
N ARG A 28 10.76 -5.32 20.74
CA ARG A 28 11.04 -4.46 19.61
C ARG A 28 12.54 -4.19 19.53
N PHE A 29 13.07 -4.23 18.31
CA PHE A 29 14.48 -4.00 18.06
C PHE A 29 14.70 -2.64 17.42
N ALA A 30 15.97 -2.27 17.30
CA ALA A 30 16.36 -0.97 16.77
C ALA A 30 16.83 -1.09 15.32
N SER A 31 16.74 0.02 14.60
CA SER A 31 17.24 0.06 13.23
C SER A 31 18.76 -0.04 13.22
N VAL A 32 19.31 -0.44 12.06
CA VAL A 32 20.74 -0.71 11.97
C VAL A 32 21.55 0.57 12.14
N TYR A 33 21.02 1.70 11.63
CA TYR A 33 21.73 2.97 11.80
C TYR A 33 21.61 3.50 13.22
N ALA A 34 20.66 3.01 14.00
CA ALA A 34 20.49 3.41 15.39
C ALA A 34 20.62 2.19 16.30
N TRP A 35 21.65 1.39 16.09
CA TRP A 35 21.83 0.15 16.81
C TRP A 35 21.88 0.39 18.32
N ASN A 36 21.23 -0.48 19.08
CA ASN A 36 21.11 -0.29 20.52
C ASN A 36 22.27 -0.95 21.25
N ARG A 37 22.83 -0.23 22.21
CA ARG A 37 23.97 -0.72 22.99
C ARG A 37 23.57 -0.87 24.45
N LYS A 38 23.91 -2.01 25.04
CA LYS A 38 23.67 -2.31 26.44
C LYS A 38 24.97 -2.75 27.07
N ARG A 39 25.24 -2.27 28.28
CA ARG A 39 26.45 -2.63 29.01
C ARG A 39 26.11 -3.67 30.07
N ILE A 40 26.90 -4.74 30.13
CA ILE A 40 26.70 -5.84 31.06
C ILE A 40 27.96 -5.99 31.88
N SER A 41 27.80 -5.93 33.20
CA SER A 41 28.91 -6.07 34.13
C SER A 41 28.36 -6.56 35.47
N ASN A 42 29.25 -7.18 36.24
CA ASN A 42 28.94 -7.66 37.60
C ASN A 42 27.79 -8.67 37.59
N CYS A 43 28.01 -9.76 36.87
CA CYS A 43 27.04 -10.86 36.84
C CYS A 43 27.76 -12.12 36.37
N VAL A 44 27.01 -13.22 36.32
CA VAL A 44 27.52 -14.52 35.89
C VAL A 44 26.73 -14.95 34.66
N ALA A 45 27.44 -15.29 33.59
CA ALA A 45 26.83 -15.63 32.31
C ALA A 45 27.12 -17.09 31.99
N ASP A 46 26.10 -17.81 31.54
CA ASP A 46 26.21 -19.20 31.10
C ASP A 46 26.05 -19.21 29.59
N TYR A 47 27.17 -19.09 28.88
CA TYR A 47 27.14 -19.04 27.42
C TYR A 47 26.75 -20.37 26.80
N SER A 48 26.86 -21.47 27.54
CA SER A 48 26.46 -22.77 27.01
C SER A 48 24.97 -22.83 26.74
N VAL A 49 24.17 -22.06 27.46
CA VAL A 49 22.73 -22.00 27.20
C VAL A 49 22.48 -21.43 25.80
N LEU A 50 23.16 -20.34 25.46
CA LEU A 50 23.01 -19.75 24.13
C LEU A 50 23.59 -20.66 23.06
N TYR A 51 24.77 -21.23 23.32
CA TYR A 51 25.44 -22.05 22.32
C TYR A 51 24.74 -23.38 22.07
N ASN A 52 23.79 -23.76 22.93
CA ASN A 52 23.09 -25.02 22.76
C ASN A 52 21.58 -24.79 22.72
N SER A 53 21.15 -23.80 21.92
CA SER A 53 19.74 -23.48 21.77
C SER A 53 19.12 -24.04 20.50
N ALA A 54 19.92 -24.27 19.45
CA ALA A 54 19.44 -24.83 18.19
C ALA A 54 18.32 -24.00 17.59
N SER A 55 18.42 -22.68 17.74
CA SER A 55 17.45 -21.76 17.18
C SER A 55 18.08 -20.60 16.41
N PHE A 56 19.41 -20.51 16.36
CA PHE A 56 20.09 -19.41 15.70
C PHE A 56 20.65 -19.87 14.35
N SER A 57 20.32 -19.13 13.30
CA SER A 57 20.84 -19.43 11.98
C SER A 57 22.33 -19.14 11.87
N THR A 58 22.80 -18.05 12.47
CA THR A 58 24.21 -17.67 12.41
C THR A 58 24.73 -17.49 13.83
N PHE A 59 25.84 -18.15 14.13
CA PHE A 59 26.50 -18.06 15.44
C PHE A 59 28.00 -18.20 15.18
N LYS A 60 28.68 -17.07 15.02
CA LYS A 60 30.10 -17.06 14.68
C LYS A 60 30.85 -16.17 15.65
N CYS A 61 31.93 -16.68 16.21
CA CYS A 61 32.66 -15.97 17.26
C CYS A 61 34.13 -15.87 16.89
N TYR A 62 34.67 -14.65 17.00
CA TYR A 62 36.03 -14.34 16.57
C TYR A 62 36.87 -14.03 17.80
N GLY A 63 38.12 -14.49 17.78
CA GLY A 63 39.02 -14.28 18.90
C GLY A 63 38.89 -15.36 19.96
N VAL A 64 37.67 -15.64 20.38
CA VAL A 64 37.41 -16.66 21.37
C VAL A 64 36.80 -17.88 20.69
N SER A 65 36.93 -19.04 21.35
CA SER A 65 36.37 -20.28 20.84
C SER A 65 35.00 -20.49 21.46
N PRO A 66 33.93 -20.64 20.66
CA PRO A 66 32.60 -20.82 21.24
C PRO A 66 32.45 -22.11 22.04
N THR A 67 33.32 -23.09 21.83
CA THR A 67 33.19 -24.41 22.44
C THR A 67 33.59 -24.34 23.91
N LYS A 68 32.62 -24.02 24.77
CA LYS A 68 32.77 -24.11 26.22
C LYS A 68 33.99 -23.33 26.73
N LEU A 69 34.07 -22.06 26.35
CA LEU A 69 35.10 -21.16 26.83
C LEU A 69 34.52 -20.07 27.73
N ASN A 70 33.58 -20.44 28.59
CA ASN A 70 32.95 -19.51 29.52
C ASN A 70 33.75 -19.35 30.81
N ASP A 71 34.90 -20.04 30.92
CA ASP A 71 35.73 -19.96 32.11
C ASP A 71 36.71 -18.79 32.08
N LEU A 72 36.42 -17.76 31.30
CA LEU A 72 37.27 -16.58 31.19
C LEU A 72 36.56 -15.38 31.79
N CYS A 73 37.33 -14.49 32.39
CA CYS A 73 36.81 -13.30 33.05
C CYS A 73 37.03 -12.10 32.15
N PHE A 74 35.99 -11.28 31.99
CA PHE A 74 36.03 -10.12 31.11
C PHE A 74 35.63 -8.87 31.88
N THR A 75 36.18 -7.73 31.46
CA THR A 75 35.88 -6.47 32.11
C THR A 75 34.42 -6.08 31.91
N ASN A 76 33.95 -6.07 30.66
CA ASN A 76 32.60 -5.64 30.34
C ASN A 76 32.12 -6.39 29.10
N VAL A 77 30.81 -6.49 28.95
CA VAL A 77 30.21 -7.09 27.77
C VAL A 77 29.26 -6.05 27.16
N TYR A 78 29.55 -5.65 25.93
CA TYR A 78 28.68 -4.72 25.21
C TYR A 78 27.81 -5.52 24.25
N ALA A 79 26.49 -5.42 24.42
CA ALA A 79 25.54 -6.09 23.57
C ALA A 79 24.91 -5.08 22.63
N ASP A 80 25.09 -5.28 21.33
CA ASP A 80 24.58 -4.38 20.30
C ASP A 80 23.52 -5.11 19.49
N SER A 81 22.33 -4.51 19.39
CA SER A 81 21.18 -5.13 18.76
C SER A 81 20.70 -4.29 17.59
N PHE A 82 20.36 -4.97 16.49
CA PHE A 82 19.76 -4.31 15.33
C PHE A 82 19.12 -5.36 14.43
N VAL A 83 18.57 -4.90 13.31
CA VAL A 83 17.86 -5.76 12.36
C VAL A 83 18.35 -5.41 10.94
N ILE A 84 18.64 -6.45 10.16
CA ILE A 84 19.05 -6.28 8.76
C ILE A 84 18.29 -7.28 7.90
N ARG A 85 18.63 -7.35 6.61
CA ARG A 85 18.12 -8.41 5.75
C ARG A 85 19.13 -9.55 5.69
N GLY A 86 18.70 -10.67 5.09
CA GLY A 86 19.51 -11.87 5.10
C GLY A 86 20.82 -11.71 4.34
N ASP A 87 20.75 -11.15 3.14
CA ASP A 87 21.93 -11.06 2.28
C ASP A 87 23.00 -10.17 2.88
N GLU A 88 22.65 -9.33 3.85
CA GLU A 88 23.60 -8.44 4.49
C GLU A 88 24.25 -9.05 5.73
N VAL A 89 23.81 -10.24 6.16
CA VAL A 89 24.37 -10.84 7.36
C VAL A 89 25.85 -11.15 7.18
N ARG A 90 26.27 -11.46 5.96
CA ARG A 90 27.69 -11.70 5.70
C ARG A 90 28.54 -10.45 5.95
N GLN A 91 27.93 -9.27 5.94
CA GLN A 91 28.69 -8.03 6.15
C GLN A 91 29.07 -7.81 7.60
N ILE A 92 28.43 -8.50 8.54
CA ILE A 92 28.71 -8.29 9.97
C ILE A 92 29.87 -9.23 10.31
N ALA A 93 31.07 -8.76 9.99
CA ALA A 93 32.30 -9.53 10.18
C ALA A 93 33.47 -8.61 9.92
N PRO A 94 34.63 -8.91 10.51
CA PRO A 94 35.82 -8.08 10.24
C PRO A 94 36.20 -8.10 8.76
N GLY A 95 36.68 -6.97 8.27
CA GLY A 95 37.14 -6.84 6.90
C GLY A 95 36.07 -7.04 5.86
N GLN A 96 34.92 -6.40 6.02
CA GLN A 96 33.82 -6.51 5.09
C GLN A 96 33.46 -5.15 4.54
N THR A 97 32.94 -5.14 3.31
CA THR A 97 32.53 -3.92 2.63
C THR A 97 31.10 -4.08 2.12
N GLY A 98 30.37 -2.98 2.09
CA GLY A 98 28.99 -2.98 1.69
C GLY A 98 28.26 -1.83 2.33
N LYS A 99 26.94 -1.86 2.22
CA LYS A 99 26.12 -0.79 2.80
C LYS A 99 26.27 -0.73 4.31
N ILE A 100 26.06 -1.87 4.98
CA ILE A 100 26.04 -1.89 6.44
C ILE A 100 27.43 -1.65 7.00
N ALA A 101 28.44 -2.28 6.40
CA ALA A 101 29.80 -2.17 6.93
C ALA A 101 30.36 -0.76 6.75
N ASP A 102 29.98 -0.09 5.66
CA ASP A 102 30.52 1.23 5.38
C ASP A 102 29.74 2.35 6.06
N TYR A 103 28.41 2.30 6.06
CA TYR A 103 27.62 3.45 6.47
C TYR A 103 26.77 3.23 7.71
N ASN A 104 26.55 2.00 8.15
CA ASN A 104 25.65 1.73 9.27
C ASN A 104 26.37 1.15 10.47
N TYR A 105 27.06 0.01 10.32
CA TYR A 105 27.68 -0.66 11.46
C TYR A 105 28.98 -1.29 10.99
N LYS A 106 30.10 -0.83 11.55
CA LYS A 106 31.42 -1.29 11.16
C LYS A 106 32.11 -1.95 12.34
N LEU A 107 32.65 -3.15 12.12
CA LEU A 107 33.40 -3.87 13.13
C LEU A 107 34.89 -3.76 12.86
N PRO A 108 35.72 -3.66 13.89
CA PRO A 108 37.17 -3.57 13.68
C PRO A 108 37.75 -4.88 13.19
N ASP A 109 38.92 -4.78 12.56
CA ASP A 109 39.57 -5.95 11.99
C ASP A 109 40.09 -6.89 13.09
N ASP A 110 40.34 -6.36 14.29
CA ASP A 110 40.81 -7.17 15.42
C ASP A 110 39.69 -7.45 16.40
N PHE A 111 38.49 -7.71 15.89
CA PHE A 111 37.33 -7.94 16.74
C PHE A 111 37.52 -9.19 17.59
N THR A 112 37.15 -9.08 18.86
CA THR A 112 37.15 -10.22 19.79
C THR A 112 35.76 -10.27 20.42
N GLY A 113 34.93 -11.17 19.93
CA GLY A 113 33.55 -11.24 20.42
C GLY A 113 32.77 -12.32 19.71
N CYS A 114 31.45 -12.16 19.74
CA CYS A 114 30.52 -13.17 19.22
C CYS A 114 29.45 -12.45 18.42
N VAL A 115 28.95 -13.11 17.38
CA VAL A 115 27.89 -12.57 16.52
C VAL A 115 26.81 -13.62 16.41
N ILE A 116 25.57 -13.24 16.71
CA ILE A 116 24.42 -14.12 16.62
C ILE A 116 23.37 -13.44 15.74
N ALA A 117 22.79 -14.19 14.83
CA ALA A 117 21.75 -13.66 13.94
C ALA A 117 20.72 -14.75 13.68
N TRP A 118 19.45 -14.39 13.82
CA TRP A 118 18.38 -15.35 13.56
C TRP A 118 17.23 -14.69 12.81
N ASN A 119 16.54 -15.51 12.01
CA ASN A 119 15.42 -15.04 11.22
C ASN A 119 14.28 -14.57 12.12
N SER A 120 13.64 -13.48 11.72
CA SER A 120 12.54 -12.88 12.47
C SER A 120 11.40 -12.48 11.55
N ASN A 121 11.15 -13.30 10.53
CA ASN A 121 10.03 -13.03 9.62
C ASN A 121 8.68 -13.15 10.31
N ASN A 122 8.59 -13.88 11.42
CA ASN A 122 7.33 -14.04 12.11
C ASN A 122 6.98 -12.85 13.02
N LEU A 123 7.95 -11.99 13.33
CA LEU A 123 7.73 -10.86 14.22
C LEU A 123 7.89 -9.51 13.51
N ASP A 124 9.04 -9.28 12.90
CA ASP A 124 9.33 -7.96 12.33
C ASP A 124 8.70 -7.73 10.96
N SER A 125 8.16 -8.76 10.33
CA SER A 125 7.47 -8.57 9.06
C SER A 125 6.08 -7.97 9.30
N LYS A 126 5.49 -7.43 8.24
CA LYS A 126 4.23 -6.71 8.36
C LYS A 126 3.55 -6.75 7.01
N VAL A 127 2.35 -7.33 6.96
CA VAL A 127 1.58 -7.41 5.73
C VAL A 127 1.22 -5.98 5.31
N GLY A 128 1.71 -5.57 4.15
CA GLY A 128 1.54 -4.21 3.69
C GLY A 128 2.83 -3.42 3.74
N GLY A 129 3.82 -3.96 4.47
CA GLY A 129 5.13 -3.35 4.52
C GLY A 129 5.49 -2.75 5.86
N ASN A 130 6.61 -3.20 6.43
CA ASN A 130 7.14 -2.66 7.67
C ASN A 130 8.25 -1.69 7.30
N TYR A 131 7.90 -0.40 7.24
CA TYR A 131 8.81 0.63 6.77
C TYR A 131 9.48 1.39 7.91
N ASN A 132 9.42 0.87 9.13
CA ASN A 132 10.03 1.52 10.28
C ASN A 132 11.47 1.10 10.52
N TYR A 133 11.99 0.16 9.73
CA TYR A 133 13.40 -0.23 9.80
C TYR A 133 14.15 0.45 8.66
N LEU A 134 15.10 1.31 9.01
CA LEU A 134 15.80 2.13 8.04
C LEU A 134 17.29 1.84 8.05
N TYR A 135 17.95 2.26 6.98
CA TYR A 135 19.40 2.15 6.85
C TYR A 135 19.92 3.38 6.11
N ARG A 136 21.12 3.80 6.46
CA ARG A 136 21.73 4.97 5.83
C ARG A 136 22.40 4.56 4.53
N LEU A 137 22.07 5.28 3.45
CA LEU A 137 22.57 4.96 2.12
C LEU A 137 23.65 5.90 1.62
N PHE A 138 23.65 7.16 2.07
CA PHE A 138 24.59 8.15 1.60
C PHE A 138 25.37 8.74 2.78
N ARG A 139 26.66 8.93 2.58
CA ARG A 139 27.52 9.56 3.57
C ARG A 139 28.77 10.08 2.87
N LYS A 140 29.40 11.07 3.49
CA LYS A 140 30.59 11.68 2.90
C LYS A 140 31.83 10.79 3.04
N SER A 141 31.85 9.91 4.03
CA SER A 141 33.00 9.05 4.25
C SER A 141 32.55 7.80 4.99
N ASN A 142 33.41 6.78 5.01
CA ASN A 142 33.09 5.55 5.70
C ASN A 142 33.10 5.74 7.21
N LEU A 143 32.35 4.89 7.90
CA LEU A 143 32.26 4.96 9.35
C LEU A 143 33.49 4.32 9.98
N LYS A 144 33.97 4.93 11.06
CA LYS A 144 34.99 4.30 11.87
C LYS A 144 34.38 3.16 12.69
N PRO A 145 35.19 2.22 13.16
CA PRO A 145 34.63 1.10 13.92
C PRO A 145 33.87 1.56 15.15
N PHE A 146 32.73 0.91 15.39
CA PHE A 146 31.85 1.20 16.53
C PHE A 146 31.42 2.66 16.57
N GLU A 147 31.14 3.24 15.41
CA GLU A 147 30.65 4.61 15.31
C GLU A 147 29.17 4.60 14.93
N ARG A 148 28.43 5.54 15.50
CA ARG A 148 26.99 5.65 15.26
C ARG A 148 26.66 7.04 14.75
N ASP A 149 25.90 7.11 13.67
CA ASP A 149 25.44 8.36 13.08
C ASP A 149 23.92 8.35 13.04
N ILE A 150 23.30 9.39 13.59
CA ILE A 150 21.85 9.51 13.61
C ILE A 150 21.39 10.84 12.98
N SER A 151 22.26 11.48 12.21
CA SER A 151 21.92 12.74 11.56
C SER A 151 20.99 12.50 10.37
N THR A 152 20.29 13.57 9.98
CA THR A 152 19.35 13.52 8.86
C THR A 152 19.61 14.67 7.88
N GLU A 153 20.85 15.11 7.78
CA GLU A 153 21.19 16.19 6.86
C GLU A 153 21.11 15.70 5.42
N ILE A 154 20.66 16.59 4.53
CA ILE A 154 20.48 16.22 3.13
C ILE A 154 21.84 16.08 2.45
N TYR A 155 22.04 14.96 1.78
CA TYR A 155 23.31 14.65 1.14
C TYR A 155 23.42 15.37 -0.20
N GLN A 156 24.60 15.92 -0.48
CA GLN A 156 24.87 16.64 -1.71
C GLN A 156 25.53 15.69 -2.70
N ALA A 157 24.80 15.31 -3.74
CA ALA A 157 25.30 14.36 -4.72
C ALA A 157 26.09 15.02 -5.84
N GLY A 158 25.65 16.18 -6.32
CA GLY A 158 26.35 16.86 -7.39
C GLY A 158 27.16 18.04 -6.93
N SER A 159 27.02 19.18 -7.60
CA SER A 159 27.72 20.40 -7.24
C SER A 159 26.80 21.55 -6.87
N THR A 160 25.49 21.39 -7.04
CA THR A 160 24.53 22.43 -6.64
C THR A 160 24.14 22.22 -5.18
N PRO A 161 24.33 23.22 -4.32
CA PRO A 161 23.97 23.05 -2.91
C PRO A 161 22.49 22.78 -2.73
N CYS A 162 22.18 21.94 -1.74
CA CYS A 162 20.79 21.55 -1.50
C CYS A 162 20.00 22.64 -0.80
N ASN A 163 20.66 23.47 0.02
CA ASN A 163 20.02 24.54 0.79
C ASN A 163 18.93 23.99 1.71
N GLY A 164 19.12 22.78 2.23
CA GLY A 164 18.18 22.20 3.16
C GLY A 164 16.92 21.62 2.55
N VAL A 165 16.86 21.50 1.23
CA VAL A 165 15.68 20.96 0.56
C VAL A 165 16.11 19.82 -0.36
N GLU A 166 15.19 18.90 -0.61
CA GLU A 166 15.46 17.75 -1.45
C GLU A 166 14.96 17.98 -2.87
N GLY A 167 15.74 17.51 -3.84
CA GLY A 167 15.40 17.66 -5.23
C GLY A 167 16.35 16.90 -6.13
N PHE A 168 16.78 17.51 -7.23
CA PHE A 168 17.75 16.88 -8.11
C PHE A 168 19.10 16.83 -7.44
N ASN A 169 19.69 15.64 -7.40
CA ASN A 169 20.99 15.41 -6.76
C ASN A 169 20.99 15.86 -5.30
N CYS A 170 19.85 15.70 -4.64
CA CYS A 170 19.71 16.04 -3.22
C CYS A 170 18.79 15.00 -2.59
N TYR A 171 19.38 14.06 -1.84
CA TYR A 171 18.67 12.89 -1.36
C TYR A 171 18.62 12.87 0.17
N PHE A 172 17.51 12.37 0.70
CA PHE A 172 17.44 12.05 2.12
C PHE A 172 18.34 10.85 2.39
N PRO A 173 19.22 10.92 3.40
CA PRO A 173 20.25 9.89 3.56
C PRO A 173 19.75 8.54 4.05
N LEU A 174 18.48 8.42 4.41
CA LEU A 174 17.95 7.17 4.96
C LEU A 174 16.98 6.53 3.97
N GLN A 175 17.05 5.21 3.88
CA GLN A 175 16.17 4.41 3.04
C GLN A 175 15.49 3.37 3.91
N SER A 176 14.33 2.91 3.48
CA SER A 176 13.48 2.03 4.29
C SER A 176 13.47 0.61 3.73
N TYR A 177 13.68 -0.37 4.59
CA TYR A 177 13.44 -1.76 4.23
C TYR A 177 11.95 -1.98 4.01
N GLY A 178 11.63 -2.81 3.02
CA GLY A 178 10.27 -3.28 2.85
C GLY A 178 10.15 -4.71 3.31
N PHE A 179 9.58 -4.93 4.49
CA PHE A 179 9.53 -6.26 5.09
C PHE A 179 8.11 -6.81 4.93
N GLN A 180 7.99 -7.89 4.17
CA GLN A 180 6.73 -8.59 3.92
C GLN A 180 6.93 -10.08 4.13
N PRO A 181 5.87 -10.79 4.55
CA PRO A 181 6.01 -12.25 4.76
C PRO A 181 6.28 -13.03 3.49
N THR A 182 5.94 -12.49 2.32
CA THR A 182 6.10 -13.21 1.05
C THR A 182 7.43 -12.93 0.38
N ASN A 183 8.31 -12.14 0.99
CA ASN A 183 9.62 -11.88 0.40
C ASN A 183 10.50 -13.12 0.49
N GLY A 184 11.56 -13.11 -0.31
CA GLY A 184 12.51 -14.19 -0.27
C GLY A 184 13.37 -14.16 0.98
N VAL A 185 14.15 -15.23 1.17
CA VAL A 185 15.01 -15.34 2.34
C VAL A 185 16.03 -14.20 2.35
N GLY A 186 16.53 -13.82 1.17
CA GLY A 186 17.46 -12.72 1.08
C GLY A 186 16.86 -11.37 1.41
N TYR A 187 15.54 -11.25 1.40
CA TYR A 187 14.86 -10.01 1.72
C TYR A 187 13.90 -10.16 2.90
N GLN A 188 14.24 -11.06 3.86
CA GLN A 188 13.49 -11.26 5.10
C GLN A 188 14.27 -10.73 6.29
N PRO A 189 13.58 -10.24 7.32
CA PRO A 189 14.28 -9.64 8.45
C PRO A 189 15.11 -10.66 9.22
N TYR A 190 16.27 -10.20 9.71
CA TYR A 190 17.16 -10.99 10.54
C TYR A 190 17.58 -10.11 11.72
N ARG A 191 17.35 -10.62 12.93
CA ARG A 191 17.74 -9.91 14.14
C ARG A 191 19.18 -10.31 14.49
N VAL A 192 20.01 -9.31 14.76
CA VAL A 192 21.44 -9.48 14.98
C VAL A 192 21.80 -8.91 16.34
N VAL A 193 22.49 -9.72 17.14
CA VAL A 193 23.07 -9.32 18.42
C VAL A 193 24.57 -9.59 18.37
N VAL A 194 25.36 -8.57 18.67
CA VAL A 194 26.81 -8.66 18.68
C VAL A 194 27.29 -8.43 20.11
N LEU A 195 28.04 -9.40 20.63
CA LEU A 195 28.60 -9.31 21.98
C LEU A 195 30.09 -9.01 21.88
N SER A 196 30.51 -7.90 22.47
CA SER A 196 31.91 -7.48 22.48
C SER A 196 32.45 -7.58 23.89
N PHE A 197 33.59 -8.25 24.04
CA PHE A 197 34.20 -8.53 25.34
C PHE A 197 35.38 -7.59 25.54
N GLU A 198 35.28 -6.72 26.54
CA GLU A 198 36.35 -5.77 26.83
C GLU A 198 37.33 -6.39 27.81
N LEU A 199 38.63 -6.23 27.53
CA LEU A 199 39.69 -6.76 28.38
C LEU A 199 40.72 -5.66 28.63
N LEU A 200 40.63 -5.02 29.79
CA LEU A 200 41.55 -3.96 30.19
C LEU A 200 42.09 -4.25 31.59
N HIS A 201 42.90 -3.33 32.09
CA HIS A 201 43.47 -3.43 33.44
C HIS A 201 42.37 -3.05 34.44
N ALA A 202 41.51 -4.02 34.71
CA ALA A 202 40.34 -3.80 35.56
C ALA A 202 40.07 -5.09 36.33
N PRO A 203 39.24 -5.02 37.37
CA PRO A 203 38.92 -6.24 38.12
C PRO A 203 38.30 -7.34 37.27
N ALA A 204 37.59 -6.99 36.19
CA ALA A 204 37.00 -7.95 35.27
C ALA A 204 36.01 -8.87 36.01
N THR A 205 34.95 -8.24 36.50
CA THR A 205 33.96 -8.92 37.33
C THR A 205 33.05 -9.88 36.55
N VAL A 206 33.12 -9.88 35.22
CA VAL A 206 32.28 -10.73 34.39
C VAL A 206 33.07 -11.99 34.09
N CYS A 207 32.93 -13.00 34.94
CA CYS A 207 33.57 -14.30 34.74
C CYS A 207 32.60 -15.33 34.18
N GLY A 208 31.47 -15.54 34.86
CA GLY A 208 30.46 -16.44 34.39
C GLY A 208 30.90 -17.90 34.35
N PRO A 209 31.11 -18.50 35.53
CA PRO A 209 31.54 -19.91 35.62
C PRO A 209 30.55 -20.87 34.95
N GLN B 1 6.56 11.08 30.76
CA GLN B 1 7.71 11.95 30.56
C GLN B 1 7.35 13.15 29.68
N VAL B 2 6.88 12.87 28.47
CA VAL B 2 6.54 13.93 27.53
C VAL B 2 5.19 14.53 27.90
N GLN B 3 4.90 15.70 27.33
CA GLN B 3 3.64 16.38 27.56
C GLN B 3 3.05 16.79 26.23
N LEU B 4 1.80 16.41 25.99
CA LEU B 4 1.06 16.78 24.79
C LEU B 4 -0.18 17.57 25.20
N VAL B 5 -0.35 18.75 24.62
CA VAL B 5 -1.49 19.61 24.90
C VAL B 5 -2.18 19.95 23.58
N GLU B 6 -3.48 19.72 23.52
CA GLU B 6 -4.26 19.96 22.31
C GLU B 6 -5.14 21.19 22.50
N SER B 7 -5.39 21.88 21.39
CA SER B 7 -6.20 23.09 21.40
C SER B 7 -6.86 23.28 20.05
N GLY B 8 -7.83 24.19 20.00
CA GLY B 8 -8.53 24.54 18.78
C GLY B 8 -9.94 24.00 18.68
N GLY B 9 -10.35 23.11 19.57
CA GLY B 9 -11.69 22.57 19.50
C GLY B 9 -12.74 23.59 19.88
N GLY B 10 -13.92 23.45 19.30
CA GLY B 10 -15.01 24.38 19.58
C GLY B 10 -16.29 24.05 18.85
N LEU B 11 -17.09 25.08 18.58
CA LEU B 11 -18.40 24.95 17.94
C LEU B 11 -18.33 25.56 16.55
N VAL B 12 -18.65 24.76 15.53
CA VAL B 12 -18.73 25.24 14.16
C VAL B 12 -19.99 24.70 13.49
N GLN B 13 -20.41 25.39 12.44
CA GLN B 13 -21.59 25.02 11.68
C GLN B 13 -21.25 23.93 10.68
N PRO B 14 -22.24 23.16 10.22
CA PRO B 14 -21.99 22.16 9.19
C PRO B 14 -21.43 22.80 7.92
N GLY B 15 -20.48 22.11 7.30
CA GLY B 15 -19.82 22.62 6.12
C GLY B 15 -18.70 23.61 6.38
N GLY B 16 -18.40 23.90 7.64
CA GLY B 16 -17.36 24.84 7.99
C GLY B 16 -15.97 24.21 7.98
N SER B 17 -15.06 24.87 8.68
CA SER B 17 -13.68 24.42 8.73
C SER B 17 -13.13 24.62 10.13
N LEU B 18 -12.14 23.80 10.48
CA LEU B 18 -11.47 23.88 11.77
C LEU B 18 -10.00 23.51 11.60
N ARG B 19 -9.18 23.98 12.54
CA ARG B 19 -7.77 23.63 12.60
C ARG B 19 -7.42 23.31 14.03
N LEU B 20 -7.12 22.04 14.30
CA LEU B 20 -6.76 21.58 15.63
C LEU B 20 -5.24 21.49 15.74
N SER B 21 -4.71 21.92 16.88
CA SER B 21 -3.28 21.98 17.11
C SER B 21 -2.90 21.10 18.30
N CYS B 22 -1.72 20.49 18.19
CA CYS B 22 -1.16 19.63 19.23
C CYS B 22 0.27 20.07 19.47
N ALA B 23 0.55 20.57 20.68
CA ALA B 23 1.88 21.01 21.06
C ALA B 23 2.52 19.97 21.95
N ALA B 24 3.77 19.60 21.63
CA ALA B 24 4.48 18.54 22.31
C ALA B 24 5.76 19.08 22.93
N SER B 25 6.06 18.63 24.15
CA SER B 25 7.27 19.06 24.85
C SER B 25 7.90 17.87 25.55
N GLY B 26 9.23 17.80 25.48
CA GLY B 26 9.99 16.79 26.21
C GLY B 26 10.69 15.74 25.39
N PHE B 27 10.72 15.86 24.07
CA PHE B 27 11.36 14.85 23.23
C PHE B 27 11.66 15.45 21.87
N THR B 28 12.44 14.71 21.08
CA THR B 28 12.74 15.10 19.71
C THR B 28 11.51 14.89 18.84
N PHE B 29 10.87 16.00 18.46
CA PHE B 29 9.58 15.92 17.78
C PHE B 29 9.67 15.31 16.39
N SER B 30 10.82 15.39 15.73
CA SER B 30 10.95 14.95 14.35
C SER B 30 11.24 13.46 14.22
N SER B 31 11.41 12.74 15.32
CA SER B 31 11.72 11.31 15.26
C SER B 31 10.52 10.42 15.52
N TYR B 32 9.36 10.98 15.83
CA TYR B 32 8.18 10.20 16.17
C TYR B 32 7.04 10.50 15.22
N ALA B 33 6.24 9.48 14.92
CA ALA B 33 5.06 9.65 14.09
C ALA B 33 3.85 9.99 14.96
N MET B 34 3.10 11.00 14.55
CA MET B 34 1.96 11.49 15.31
C MET B 34 0.68 10.91 14.75
N SER B 35 -0.33 10.78 15.62
CA SER B 35 -1.63 10.28 15.19
C SER B 35 -2.74 11.11 15.82
N TRP B 36 -3.85 11.23 15.09
CA TRP B 36 -5.10 11.81 15.59
C TRP B 36 -6.12 10.69 15.70
N VAL B 37 -6.67 10.52 16.90
CA VAL B 37 -7.66 9.48 17.20
C VAL B 37 -8.87 10.14 17.84
N ARG B 38 -10.06 9.86 17.33
CA ARG B 38 -11.26 10.51 17.83
C ARG B 38 -12.20 9.50 18.47
N GLN B 39 -12.96 9.98 19.46
CA GLN B 39 -13.93 9.16 20.18
C GLN B 39 -15.27 9.88 20.19
N ALA B 40 -16.31 9.20 19.72
CA ALA B 40 -17.64 9.78 19.71
C ALA B 40 -18.16 9.94 21.14
N PRO B 41 -19.17 10.81 21.34
CA PRO B 41 -19.65 11.04 22.71
C PRO B 41 -20.10 9.78 23.44
N GLY B 42 -20.71 8.83 22.75
CA GLY B 42 -21.17 7.61 23.41
C GLY B 42 -20.74 6.34 22.72
N LYS B 43 -19.68 6.40 21.92
CA LYS B 43 -19.21 5.26 21.15
C LYS B 43 -17.74 4.97 21.49
N GLY B 44 -17.15 4.05 20.75
CA GLY B 44 -15.79 3.62 20.98
C GLY B 44 -14.76 4.45 20.25
N LEU B 45 -13.50 4.03 20.37
CA LEU B 45 -12.39 4.74 19.77
C LEU B 45 -12.30 4.46 18.28
N GLU B 46 -11.77 5.42 17.53
CA GLU B 46 -11.60 5.29 16.09
C GLU B 46 -10.37 6.07 15.66
N TRP B 47 -9.43 5.39 15.02
CA TRP B 47 -8.23 6.04 14.51
C TRP B 47 -8.58 6.88 13.28
N VAL B 48 -8.11 8.13 13.26
CA VAL B 48 -8.49 9.10 12.24
C VAL B 48 -7.35 9.32 11.24
N SER B 49 -6.19 9.77 11.71
CA SER B 49 -5.14 10.16 10.78
C SER B 49 -3.78 9.96 11.39
N ALA B 50 -2.75 9.99 10.53
CA ALA B 50 -1.37 9.80 10.98
C ALA B 50 -0.40 10.54 10.07
N ILE B 51 0.67 11.05 10.67
CA ILE B 51 1.76 11.69 9.93
C ILE B 51 3.01 10.86 10.17
N SER B 52 4.10 11.15 9.45
CA SER B 52 5.30 10.32 9.55
C SER B 52 6.53 11.20 9.72
N GLY B 53 6.79 11.59 10.97
CA GLY B 53 8.07 12.14 11.41
C GLY B 53 8.84 13.02 10.44
N SER B 54 8.12 13.89 9.71
CA SER B 54 8.67 14.66 8.60
C SER B 54 7.53 15.33 7.83
N GLY B 55 6.81 14.54 7.04
CA GLY B 55 5.73 15.06 6.24
C GLY B 55 5.60 14.37 4.90
N GLY B 56 6.55 13.48 4.60
CA GLY B 56 6.53 12.75 3.35
C GLY B 56 5.33 11.85 3.19
N SER B 57 5.00 11.09 4.23
CA SER B 57 3.88 10.16 4.18
C SER B 57 2.75 10.64 5.10
N THR B 58 1.54 10.56 4.59
CA THR B 58 0.34 10.92 5.34
C THR B 58 -0.68 9.81 5.19
N TYR B 59 -1.28 9.38 6.30
CA TYR B 59 -2.24 8.28 6.29
C TYR B 59 -3.58 8.77 6.80
N TYR B 60 -4.64 8.40 6.09
CA TYR B 60 -5.99 8.82 6.41
C TYR B 60 -6.91 7.61 6.40
N ALA B 61 -8.00 7.72 7.15
CA ALA B 61 -9.01 6.68 7.19
C ALA B 61 -9.94 6.79 5.98
N ASP B 62 -10.81 5.80 5.83
CA ASP B 62 -11.75 5.75 4.71
C ASP B 62 -13.02 6.56 4.98
N SER B 63 -13.01 7.44 5.98
CA SER B 63 -14.18 8.26 6.28
C SER B 63 -13.81 9.72 6.51
N VAL B 64 -12.52 10.05 6.41
CA VAL B 64 -12.07 11.43 6.58
C VAL B 64 -11.21 11.81 5.39
N LYS B 65 -10.90 10.84 4.54
CA LYS B 65 -10.06 11.11 3.38
C LYS B 65 -10.81 12.00 2.38
N GLY B 66 -10.14 13.06 1.93
CA GLY B 66 -10.74 14.01 1.02
C GLY B 66 -11.22 15.25 1.72
N ARG B 67 -11.40 15.17 3.04
CA ARG B 67 -11.83 16.30 3.85
C ARG B 67 -10.81 16.73 4.89
N PHE B 68 -9.98 15.82 5.36
CA PHE B 68 -9.00 16.12 6.41
C PHE B 68 -7.61 16.22 5.81
N THR B 69 -6.77 17.03 6.44
CA THR B 69 -5.38 17.19 6.02
C THR B 69 -4.51 17.35 7.25
N ILE B 70 -3.50 16.49 7.37
CA ILE B 70 -2.61 16.46 8.53
C ILE B 70 -1.27 17.05 8.12
N SER B 71 -0.66 17.81 9.03
CA SER B 71 0.64 18.41 8.77
C SER B 71 1.35 18.64 10.10
N ARG B 72 2.62 19.01 10.02
CA ARG B 72 3.42 19.24 11.22
C ARG B 72 4.45 20.32 10.94
N ASP B 73 4.90 20.95 12.02
CA ASP B 73 6.00 21.92 11.97
C ASP B 73 6.98 21.54 13.08
N ASN B 74 8.14 21.02 12.67
CA ASN B 74 9.14 20.57 13.63
C ASN B 74 9.90 21.71 14.29
N SER B 75 10.03 22.85 13.61
CA SER B 75 10.69 24.00 14.22
C SER B 75 9.90 24.52 15.41
N LYS B 76 8.57 24.57 15.30
CA LYS B 76 7.71 25.01 16.39
C LYS B 76 7.21 23.88 17.27
N ASN B 77 7.58 22.63 16.95
CA ASN B 77 7.15 21.45 17.70
C ASN B 77 5.63 21.38 17.80
N THR B 78 4.96 21.46 16.65
CA THR B 78 3.51 21.50 16.62
C THR B 78 2.97 20.60 15.52
N LEU B 79 1.73 20.13 15.72
CA LEU B 79 1.04 19.28 14.76
C LEU B 79 -0.34 19.86 14.47
N TYR B 80 -0.74 19.86 13.21
CA TYR B 80 -1.98 20.48 12.78
C TYR B 80 -2.86 19.50 12.03
N LEU B 81 -4.16 19.60 12.30
CA LEU B 81 -5.18 18.85 11.59
C LEU B 81 -6.21 19.84 11.06
N GLN B 82 -6.30 19.98 9.74
CA GLN B 82 -7.27 20.84 9.09
C GLN B 82 -8.46 19.99 8.67
N MET B 83 -9.64 20.33 9.17
CA MET B 83 -10.86 19.59 8.90
C MET B 83 -11.81 20.48 8.12
N ASN B 84 -12.27 19.99 6.98
CA ASN B 84 -13.16 20.73 6.09
C ASN B 84 -14.39 19.88 5.77
N SER B 85 -15.46 20.56 5.36
CA SER B 85 -16.73 19.92 5.02
C SER B 85 -17.25 19.08 6.18
N LEU B 86 -17.23 19.67 7.37
CA LEU B 86 -17.61 18.96 8.58
C LEU B 86 -19.11 18.66 8.59
N ARG B 87 -19.46 17.48 9.10
CA ARG B 87 -20.84 17.06 9.26
C ARG B 87 -21.11 16.77 10.72
N ALA B 88 -22.35 16.37 11.02
CA ALA B 88 -22.73 16.09 12.40
C ALA B 88 -22.03 14.86 12.94
N GLU B 89 -21.62 13.94 12.06
CA GLU B 89 -20.94 12.72 12.49
C GLU B 89 -19.52 12.99 12.98
N ASP B 90 -19.00 14.19 12.79
CA ASP B 90 -17.64 14.51 13.21
C ASP B 90 -17.58 15.09 14.63
N THR B 91 -18.70 15.13 15.34
CA THR B 91 -18.70 15.58 16.73
C THR B 91 -18.06 14.52 17.61
N ALA B 92 -16.85 14.78 18.07
CA ALA B 92 -16.10 13.81 18.86
C ALA B 92 -15.01 14.52 19.63
N VAL B 93 -14.41 13.79 20.57
CA VAL B 93 -13.25 14.26 21.31
C VAL B 93 -11.99 13.73 20.62
N TYR B 94 -11.06 14.63 20.33
CA TYR B 94 -9.89 14.30 19.52
C TYR B 94 -8.65 14.24 20.40
N TYR B 95 -7.84 13.20 20.20
CA TYR B 95 -6.64 12.94 20.97
C TYR B 95 -5.44 12.88 20.05
N CYS B 96 -4.33 13.45 20.53
CA CYS B 96 -3.05 13.49 19.82
C CYS B 96 -2.15 12.43 20.44
N ALA B 97 -1.92 11.34 19.71
CA ALA B 97 -1.26 10.16 20.25
C ALA B 97 0.10 9.92 19.60
N LYS B 98 0.95 9.21 20.33
CA LYS B 98 2.35 9.00 19.98
C LYS B 98 2.85 7.75 20.71
N ASP B 99 3.82 7.07 20.11
CA ASP B 99 4.38 5.85 20.66
C ASP B 99 5.67 6.15 21.42
N HIS B 100 5.96 5.31 22.41
CA HIS B 100 7.17 5.45 23.22
C HIS B 100 8.44 5.31 22.38
N LEU B 101 8.51 4.28 21.54
CA LEU B 101 9.72 4.02 20.78
C LEU B 101 9.83 4.99 19.60
N ILE B 102 10.99 4.97 18.96
CA ILE B 102 11.28 5.90 17.86
C ILE B 102 10.72 5.27 16.59
N THR B 103 9.56 5.75 16.18
CA THR B 103 8.94 5.34 14.93
C THR B 103 8.91 6.53 13.97
N MET B 104 9.49 6.35 12.78
CA MET B 104 9.70 7.45 11.86
C MET B 104 8.76 7.45 10.66
N VAL B 105 8.15 6.32 10.34
CA VAL B 105 7.33 6.25 9.13
C VAL B 105 5.91 5.79 9.46
N GLN B 106 5.75 5.01 10.52
CA GLN B 106 4.46 4.39 10.80
C GLN B 106 4.11 4.49 12.28
N PRO B 107 2.84 4.79 12.60
CA PRO B 107 2.45 5.03 14.00
C PRO B 107 2.73 3.89 14.97
N GLU B 108 2.20 2.70 14.66
CA GLU B 108 2.24 1.52 15.51
C GLU B 108 1.35 1.68 16.75
N TYR B 109 1.93 1.82 17.93
CA TYR B 109 1.18 1.85 19.17
C TYR B 109 0.95 3.27 19.66
N PHE B 110 0.11 3.41 20.68
CA PHE B 110 -0.23 4.70 21.28
C PHE B 110 0.00 4.59 22.79
N HIS B 111 1.18 5.01 23.23
CA HIS B 111 1.50 4.99 24.65
C HIS B 111 1.22 6.31 25.35
N HIS B 112 1.35 7.43 24.64
CA HIS B 112 1.16 8.75 25.21
C HIS B 112 -0.10 9.37 24.64
N TRP B 113 -0.92 9.94 25.52
CA TRP B 113 -2.19 10.55 25.13
C TRP B 113 -2.27 11.96 25.69
N GLY B 114 -2.98 12.83 24.97
CA GLY B 114 -3.25 14.17 25.45
C GLY B 114 -4.55 14.26 26.22
N GLN B 115 -4.90 15.49 26.59
CA GLN B 115 -6.13 15.74 27.32
C GLN B 115 -7.37 15.64 26.45
N GLY B 116 -7.30 16.06 25.21
CA GLY B 116 -8.43 15.98 24.30
C GLY B 116 -9.22 17.28 24.23
N THR B 117 -9.74 17.56 23.04
CA THR B 117 -10.56 18.75 22.80
C THR B 117 -11.87 18.31 22.17
N LEU B 118 -12.99 18.79 22.73
CA LEU B 118 -14.30 18.46 22.22
C LEU B 118 -14.64 19.36 21.03
N VAL B 119 -15.01 18.75 19.92
CA VAL B 119 -15.39 19.48 18.71
C VAL B 119 -16.87 19.20 18.45
N THR B 120 -17.69 20.24 18.57
CA THR B 120 -19.12 20.13 18.36
C THR B 120 -19.50 20.74 17.02
N VAL B 121 -20.35 20.02 16.28
CA VAL B 121 -20.84 20.48 14.98
C VAL B 121 -22.35 20.55 15.07
N SER B 122 -22.90 21.76 14.98
CA SER B 122 -24.34 21.95 15.07
C SER B 122 -24.69 23.30 14.46
N SER B 123 -25.96 23.44 14.08
CA SER B 123 -26.48 24.68 13.52
C SER B 123 -27.39 25.42 14.48
N ALA B 124 -27.46 24.99 15.74
CA ALA B 124 -28.34 25.60 16.72
C ALA B 124 -27.63 26.74 17.45
N SER B 125 -28.42 27.65 17.99
CA SER B 125 -27.93 28.79 18.73
C SER B 125 -28.19 28.59 20.22
N THR B 126 -27.51 29.41 21.04
CA THR B 126 -27.67 29.31 22.48
C THR B 126 -29.12 29.56 22.87
N LYS B 127 -29.68 28.65 23.66
CA LYS B 127 -31.08 28.74 24.03
C LYS B 127 -31.26 28.17 25.44
N GLY B 128 -32.03 28.87 26.25
CA GLY B 128 -32.25 28.47 27.63
C GLY B 128 -33.15 27.26 27.74
N PRO B 129 -32.93 26.46 28.78
CA PRO B 129 -33.73 25.24 28.97
C PRO B 129 -35.14 25.57 29.45
N SER B 130 -36.02 24.58 29.31
CA SER B 130 -37.38 24.67 29.81
C SER B 130 -37.62 23.54 30.80
N VAL B 131 -38.18 23.88 31.97
CA VAL B 131 -38.37 22.93 33.04
C VAL B 131 -39.86 22.67 33.24
N PHE B 132 -40.21 21.39 33.37
CA PHE B 132 -41.58 20.96 33.57
C PHE B 132 -41.66 19.97 34.72
N PRO B 133 -42.81 19.86 35.38
CA PRO B 133 -42.94 18.94 36.51
C PRO B 133 -43.43 17.55 36.10
N LEU B 134 -42.99 16.56 36.88
CA LEU B 134 -43.45 15.18 36.78
C LEU B 134 -44.05 14.83 38.13
N ALA B 135 -45.38 14.81 38.20
CA ALA B 135 -46.09 14.65 39.46
C ALA B 135 -45.76 13.29 40.09
N PRO B 136 -45.69 13.23 41.43
CA PRO B 136 -45.27 11.99 42.08
C PRO B 136 -46.17 10.80 41.78
N SER B 137 -47.45 10.90 42.13
CA SER B 137 -48.39 9.79 41.99
C SER B 137 -49.79 10.21 42.42
N SER B 138 -50.76 9.30 42.25
CA SER B 138 -52.12 9.53 42.71
C SER B 138 -52.63 8.37 43.56
N LYS B 139 -51.74 7.53 44.07
CA LYS B 139 -52.14 6.37 44.87
C LYS B 139 -50.98 5.99 45.78
N SER B 140 -51.15 6.19 47.08
CA SER B 140 -50.15 5.80 48.08
C SER B 140 -50.49 4.44 48.68
N THR B 141 -50.43 3.41 47.83
CA THR B 141 -50.83 2.06 48.22
C THR B 141 -49.78 1.00 47.94
N SER B 142 -48.98 1.15 46.89
CA SER B 142 -48.07 0.08 46.48
C SER B 142 -47.06 -0.25 47.58
N GLY B 143 -46.19 0.70 47.91
CA GLY B 143 -45.16 0.45 48.90
C GLY B 143 -44.89 1.61 49.82
N GLY B 144 -45.74 2.63 49.77
CA GLY B 144 -45.56 3.80 50.60
C GLY B 144 -44.41 4.70 50.17
N THR B 145 -43.89 4.49 48.97
CA THR B 145 -42.83 5.35 48.42
C THR B 145 -43.26 5.79 47.02
N ALA B 146 -43.22 7.09 46.77
CA ALA B 146 -43.56 7.65 45.48
C ALA B 146 -42.32 8.27 44.85
N ALA B 147 -42.41 8.52 43.54
CA ALA B 147 -41.32 9.12 42.78
C ALA B 147 -41.83 10.34 42.04
N LEU B 148 -41.19 11.48 42.26
CA LEU B 148 -41.51 12.74 41.59
C LEU B 148 -40.31 13.20 40.78
N GLY B 149 -40.50 14.24 39.98
CA GLY B 149 -39.34 14.67 39.22
C GLY B 149 -39.57 15.96 38.45
N CYS B 150 -38.50 16.37 37.75
CA CYS B 150 -38.53 17.52 36.87
C CYS B 150 -37.85 17.16 35.55
N LEU B 151 -38.26 17.83 34.49
CA LEU B 151 -37.82 17.52 33.13
C LEU B 151 -37.27 18.79 32.50
N VAL B 152 -36.01 18.74 32.04
CA VAL B 152 -35.35 19.83 31.37
C VAL B 152 -35.32 19.52 29.88
N LYS B 153 -35.71 20.48 29.05
CA LYS B 153 -35.87 20.22 27.63
C LYS B 153 -35.37 21.41 26.82
N ASP B 154 -34.84 21.11 25.63
CA ASP B 154 -34.56 22.13 24.60
C ASP B 154 -33.55 23.17 25.11
N TYR B 155 -32.33 22.71 25.37
CA TYR B 155 -31.24 23.59 25.76
C TYR B 155 -30.00 23.28 24.94
N PHE B 156 -29.22 24.33 24.70
CA PHE B 156 -27.94 24.24 24.00
C PHE B 156 -27.07 25.43 24.38
N PRO B 157 -25.77 25.22 24.64
CA PRO B 157 -25.12 23.91 24.63
C PRO B 157 -25.06 23.27 26.01
N GLU B 158 -24.24 22.22 26.14
CA GLU B 158 -24.06 21.55 27.41
C GLU B 158 -23.35 22.48 28.39
N PRO B 159 -23.52 22.28 29.71
CA PRO B 159 -24.43 21.41 30.47
C PRO B 159 -25.49 22.18 31.24
N VAL B 160 -26.35 21.45 31.95
CA VAL B 160 -27.29 22.02 32.90
C VAL B 160 -27.04 21.38 34.26
N THR B 161 -27.43 22.10 35.32
CA THR B 161 -27.21 21.62 36.68
C THR B 161 -28.51 21.68 37.46
N VAL B 162 -28.86 20.58 38.10
CA VAL B 162 -30.05 20.46 38.95
C VAL B 162 -29.58 20.12 40.36
N SER B 163 -30.10 20.84 41.36
CA SER B 163 -29.61 20.69 42.73
C SER B 163 -30.61 20.10 43.71
N TRP B 164 -31.91 20.22 43.46
CA TRP B 164 -32.94 19.60 44.31
C TRP B 164 -32.83 20.10 45.76
N ASN B 165 -33.23 21.37 45.93
CA ASN B 165 -33.24 22.06 47.23
C ASN B 165 -31.84 22.45 47.69
N SER B 166 -31.03 22.96 46.75
CA SER B 166 -29.75 23.60 47.06
C SER B 166 -28.82 22.66 47.82
N GLY B 167 -28.74 21.41 47.35
CA GLY B 167 -27.87 20.44 47.98
C GLY B 167 -28.26 20.07 49.39
N ALA B 168 -29.56 20.09 49.71
CA ALA B 168 -30.04 19.67 51.01
C ALA B 168 -30.83 18.37 50.98
N LEU B 169 -31.30 17.96 49.81
CA LEU B 169 -32.03 16.70 49.64
C LEU B 169 -31.28 15.89 48.59
N THR B 170 -30.35 15.06 49.05
CA THR B 170 -29.62 14.13 48.17
C THR B 170 -29.82 12.73 48.74
N SER B 171 -30.98 12.14 48.44
CA SER B 171 -31.30 10.79 48.90
C SER B 171 -32.33 10.23 47.91
N GLY B 172 -31.87 9.38 47.00
CA GLY B 172 -32.72 8.89 45.93
C GLY B 172 -32.76 9.78 44.70
N VAL B 173 -32.01 10.88 44.70
CA VAL B 173 -31.95 11.75 43.53
C VAL B 173 -31.24 11.02 42.41
N HIS B 174 -31.85 11.03 41.22
CA HIS B 174 -31.30 10.34 40.04
C HIS B 174 -31.38 11.29 38.86
N THR B 175 -30.24 11.89 38.49
CA THR B 175 -30.15 12.75 37.33
C THR B 175 -29.60 11.92 36.17
N PHE B 176 -30.36 11.88 35.07
CA PHE B 176 -29.97 11.02 33.96
C PHE B 176 -29.08 11.78 32.98
N PRO B 177 -28.13 11.10 32.35
CA PRO B 177 -27.31 11.76 31.32
C PRO B 177 -28.14 12.36 30.21
N ALA B 178 -27.76 13.54 29.73
CA ALA B 178 -28.51 14.20 28.68
C ALA B 178 -28.35 13.46 27.35
N VAL B 179 -29.37 13.59 26.51
CA VAL B 179 -29.40 12.93 25.21
C VAL B 179 -29.62 13.98 24.14
N LEU B 180 -29.16 13.68 22.93
CA LEU B 180 -29.27 14.61 21.80
C LEU B 180 -30.51 14.27 20.99
N GLN B 181 -31.42 15.22 20.88
CA GLN B 181 -32.70 15.00 20.19
C GLN B 181 -32.45 14.97 18.68
N SER B 182 -33.54 14.82 17.92
CA SER B 182 -33.49 14.82 16.47
C SER B 182 -33.54 16.22 15.88
N SER B 183 -33.53 17.25 16.72
CA SER B 183 -33.57 18.63 16.28
C SER B 183 -32.31 19.42 16.57
N GLY B 184 -31.38 18.89 17.36
CA GLY B 184 -30.14 19.58 17.68
C GLY B 184 -30.01 20.01 19.13
N LEU B 185 -31.07 19.95 19.91
CA LEU B 185 -31.03 20.34 21.31
C LEU B 185 -30.99 19.10 22.21
N TYR B 186 -31.02 19.33 23.51
CA TYR B 186 -30.81 18.28 24.50
C TYR B 186 -32.03 18.12 25.41
N SER B 187 -31.96 17.10 26.26
CA SER B 187 -33.04 16.78 27.18
C SER B 187 -32.43 16.10 28.40
N LEU B 188 -33.13 16.22 29.53
CA LEU B 188 -32.65 15.71 30.81
C LEU B 188 -33.85 15.47 31.72
N SER B 189 -33.70 14.54 32.64
CA SER B 189 -34.75 14.27 33.63
C SER B 189 -34.10 14.00 34.98
N SER B 190 -34.64 14.62 36.03
CA SER B 190 -34.17 14.40 37.39
C SER B 190 -35.34 13.90 38.23
N VAL B 191 -35.22 12.68 38.75
CA VAL B 191 -36.29 12.03 39.50
C VAL B 191 -35.78 11.67 40.89
N VAL B 192 -36.63 11.86 41.88
CA VAL B 192 -36.32 11.52 43.27
C VAL B 192 -37.44 10.64 43.83
N THR B 193 -37.11 9.82 44.82
CA THR B 193 -38.05 8.93 45.47
C THR B 193 -38.16 9.31 46.94
N VAL B 194 -39.38 9.59 47.39
CA VAL B 194 -39.62 10.00 48.77
C VAL B 194 -40.76 9.18 49.34
N PRO B 195 -40.83 9.00 50.67
CA PRO B 195 -41.96 8.27 51.25
C PRO B 195 -43.29 8.96 50.92
N SER B 196 -44.30 8.14 50.66
CA SER B 196 -45.61 8.68 50.28
C SER B 196 -46.29 9.43 51.42
N SER B 197 -45.79 9.28 52.65
CA SER B 197 -46.40 10.01 53.77
C SER B 197 -46.27 11.52 53.59
N SER B 198 -45.11 11.98 53.13
CA SER B 198 -44.85 13.41 52.98
C SER B 198 -45.09 13.83 51.54
N LEU B 199 -46.35 13.73 51.12
CA LEU B 199 -46.74 14.15 49.79
C LEU B 199 -47.39 15.54 49.82
N GLY B 200 -48.45 15.69 50.60
CA GLY B 200 -49.10 16.98 50.74
C GLY B 200 -48.57 17.79 51.90
N THR B 201 -47.48 17.33 52.51
CA THR B 201 -46.89 17.99 53.67
C THR B 201 -45.53 18.58 53.37
N GLN B 202 -44.59 17.79 52.88
CA GLN B 202 -43.25 18.28 52.59
C GLN B 202 -43.25 19.12 51.31
N THR B 203 -42.19 19.87 51.11
CA THR B 203 -42.08 20.76 49.94
C THR B 203 -40.69 20.63 49.36
N TYR B 204 -40.61 20.25 48.09
CA TYR B 204 -39.37 20.17 47.34
C TYR B 204 -39.55 20.82 45.98
N ILE B 205 -38.49 21.46 45.50
CA ILE B 205 -38.50 22.13 44.21
C ILE B 205 -37.25 21.75 43.43
N CYS B 206 -37.30 22.00 42.12
CA CYS B 206 -36.15 21.76 41.25
C CYS B 206 -35.63 23.09 40.75
N ASN B 207 -34.35 23.36 40.97
CA ASN B 207 -33.69 24.56 40.48
C ASN B 207 -32.66 24.16 39.42
N VAL B 208 -32.73 24.81 38.27
CA VAL B 208 -31.92 24.46 37.12
C VAL B 208 -31.06 25.67 36.76
N ASN B 209 -29.75 25.44 36.66
CA ASN B 209 -28.78 26.47 36.29
C ASN B 209 -28.16 26.11 34.95
N HIS B 210 -28.18 27.07 34.02
CA HIS B 210 -27.54 26.93 32.72
C HIS B 210 -26.71 28.19 32.49
N LYS B 211 -25.39 28.02 32.50
CA LYS B 211 -24.47 29.15 32.48
C LYS B 211 -24.37 29.81 31.09
N PRO B 212 -24.22 29.05 29.99
CA PRO B 212 -24.10 29.72 28.69
C PRO B 212 -25.25 30.66 28.37
N SER B 213 -26.48 30.29 28.73
CA SER B 213 -27.61 31.18 28.55
C SER B 213 -27.88 32.05 29.78
N ASN B 214 -27.15 31.84 30.87
CA ASN B 214 -27.31 32.59 32.11
C ASN B 214 -28.76 32.56 32.59
N THR B 215 -29.21 31.35 32.89
CA THR B 215 -30.60 31.11 33.28
C THR B 215 -30.64 30.24 34.52
N LYS B 216 -31.19 30.79 35.61
CA LYS B 216 -31.46 30.04 36.82
C LYS B 216 -32.96 30.06 37.07
N VAL B 217 -33.58 28.88 37.07
CA VAL B 217 -35.04 28.79 37.09
C VAL B 217 -35.48 27.79 38.16
N ASP B 218 -36.52 28.16 38.90
CA ASP B 218 -37.09 27.34 39.95
C ASP B 218 -38.45 26.80 39.51
N LYS B 219 -38.75 25.57 39.89
CA LYS B 219 -40.04 24.98 39.56
C LYS B 219 -40.53 24.11 40.71
N ARG B 220 -41.83 24.18 40.96
CA ARG B 220 -42.50 23.45 42.02
C ARG B 220 -43.04 22.11 41.51
N VAL B 221 -43.04 21.13 42.40
CA VAL B 221 -43.61 19.81 42.11
C VAL B 221 -44.71 19.55 43.13
N GLU B 222 -45.90 19.22 42.64
CA GLU B 222 -47.09 19.10 43.47
C GLU B 222 -48.02 18.07 42.84
N PRO B 223 -48.65 17.20 43.63
CA PRO B 223 -49.56 16.20 43.07
C PRO B 223 -50.95 16.78 42.77
N ASP C 1 -11.87 -4.27 6.21
CA ASP C 1 -11.12 -5.37 5.63
C ASP C 1 -10.35 -6.15 6.70
N ILE C 2 -10.04 -5.47 7.80
CA ILE C 2 -9.26 -6.05 8.89
C ILE C 2 -10.05 -5.90 10.19
N GLN C 3 -11.38 -5.95 10.09
CA GLN C 3 -12.24 -5.75 11.25
C GLN C 3 -11.90 -6.73 12.36
N MET C 4 -11.91 -6.23 13.60
CA MET C 4 -11.60 -7.02 14.78
C MET C 4 -12.84 -7.12 15.66
N THR C 5 -13.04 -8.31 16.23
CA THR C 5 -14.24 -8.62 17.01
C THR C 5 -13.85 -8.96 18.44
N GLN C 6 -14.50 -8.31 19.39
CA GLN C 6 -14.27 -8.56 20.81
C GLN C 6 -15.40 -9.41 21.39
N SER C 7 -15.08 -10.08 22.50
CA SER C 7 -16.08 -10.90 23.17
C SER C 7 -15.69 -11.07 24.62
N PRO C 8 -16.65 -11.02 25.56
CA PRO C 8 -18.04 -10.64 25.32
C PRO C 8 -18.22 -9.12 25.29
N SER C 9 -19.41 -8.66 24.90
CA SER C 9 -19.69 -7.23 24.93
C SER C 9 -19.65 -6.66 26.34
N SER C 10 -20.17 -7.40 27.32
CA SER C 10 -20.15 -6.96 28.70
C SER C 10 -20.10 -8.18 29.62
N VAL C 11 -19.37 -8.06 30.72
CA VAL C 11 -19.25 -9.11 31.71
C VAL C 11 -19.41 -8.52 33.10
N SER C 12 -19.76 -9.37 34.06
CA SER C 12 -19.91 -8.99 35.45
C SER C 12 -19.01 -9.86 36.32
N ALA C 13 -18.38 -9.27 37.31
CA ALA C 13 -17.47 -10.00 38.18
C ALA C 13 -17.42 -9.34 39.54
N SER C 14 -16.96 -10.10 40.52
CA SER C 14 -16.79 -9.63 41.89
C SER C 14 -15.32 -9.47 42.21
N VAL C 15 -15.05 -8.77 43.31
CA VAL C 15 -13.67 -8.54 43.73
C VAL C 15 -13.03 -9.86 44.12
N GLY C 16 -11.90 -10.17 43.50
CA GLY C 16 -11.21 -11.43 43.72
C GLY C 16 -11.38 -12.45 42.63
N ASP C 17 -12.32 -12.25 41.71
CA ASP C 17 -12.55 -13.18 40.62
C ASP C 17 -11.61 -12.89 39.46
N SER C 18 -11.72 -13.70 38.40
CA SER C 18 -10.89 -13.57 37.22
C SER C 18 -11.77 -13.42 35.99
N VAL C 19 -11.31 -12.62 35.03
CA VAL C 19 -12.06 -12.33 33.81
C VAL C 19 -11.18 -12.57 32.60
N THR C 20 -11.77 -13.11 31.53
CA THR C 20 -11.08 -13.39 30.28
C THR C 20 -11.83 -12.71 29.14
N ILE C 21 -11.09 -12.01 28.28
CA ILE C 21 -11.65 -11.28 27.14
C ILE C 21 -10.94 -11.75 25.87
N THR C 22 -11.71 -12.03 24.83
CA THR C 22 -11.18 -12.57 23.58
C THR C 22 -11.28 -11.52 22.47
N CYS C 23 -10.25 -11.46 21.63
CA CYS C 23 -10.19 -10.56 20.49
C CYS C 23 -9.75 -11.36 19.28
N ARG C 24 -10.52 -11.28 18.19
CA ARG C 24 -10.26 -12.03 16.98
C ARG C 24 -10.12 -11.09 15.80
N ALA C 25 -9.25 -11.47 14.86
CA ALA C 25 -8.95 -10.66 13.69
C ALA C 25 -9.31 -11.42 12.42
N SER C 26 -9.66 -10.67 11.38
CA SER C 26 -10.08 -11.30 10.13
C SER C 26 -8.91 -11.99 9.43
N GLN C 27 -7.72 -11.41 9.52
CA GLN C 27 -6.53 -12.00 8.92
C GLN C 27 -5.39 -11.95 9.91
N GLY C 28 -4.39 -12.80 9.69
CA GLY C 28 -3.24 -12.88 10.57
C GLY C 28 -2.48 -11.57 10.70
N ILE C 29 -2.27 -11.13 11.94
CA ILE C 29 -1.58 -9.88 12.21
C ILE C 29 -0.36 -10.16 13.08
N SER C 30 0.14 -11.39 13.01
CA SER C 30 1.27 -11.83 13.82
C SER C 30 1.06 -11.52 15.29
N ARG C 31 1.85 -10.59 15.83
CA ARG C 31 1.72 -10.14 17.21
C ARG C 31 1.63 -8.63 17.27
N TRP C 32 0.88 -8.03 16.33
CA TRP C 32 0.66 -6.58 16.30
C TRP C 32 -0.71 -6.28 16.91
N LEU C 33 -0.73 -6.21 18.25
CA LEU C 33 -1.98 -5.98 18.97
C LEU C 33 -1.69 -5.28 20.29
N ALA C 34 -2.61 -4.41 20.70
CA ALA C 34 -2.48 -3.66 21.93
C ALA C 34 -3.80 -3.65 22.68
N TRP C 35 -3.71 -3.73 24.01
CA TRP C 35 -4.86 -3.71 24.91
C TRP C 35 -4.84 -2.44 25.72
N TYR C 36 -5.96 -1.69 25.65
CA TYR C 36 -6.14 -0.39 26.29
C TYR C 36 -7.27 -0.45 27.29
N GLN C 37 -7.16 0.35 28.35
CA GLN C 37 -8.20 0.49 29.37
C GLN C 37 -8.61 1.95 29.46
N GLN C 38 -9.91 2.20 29.54
CA GLN C 38 -10.44 3.55 29.67
C GLN C 38 -11.57 3.57 30.69
N ARG C 39 -11.52 4.54 31.61
CA ARG C 39 -12.54 4.90 32.58
C ARG C 39 -13.34 6.10 32.09
N PRO C 40 -14.60 6.23 32.50
CA PRO C 40 -15.44 7.31 31.95
C PRO C 40 -14.87 8.68 32.25
N GLY C 41 -14.94 9.56 31.25
CA GLY C 41 -14.49 10.93 31.40
C GLY C 41 -12.98 11.10 31.48
N LYS C 42 -12.21 10.13 30.99
CA LYS C 42 -10.77 10.21 31.04
C LYS C 42 -10.18 9.62 29.76
N ALA C 43 -8.92 9.95 29.51
CA ALA C 43 -8.19 9.49 28.33
C ALA C 43 -7.82 8.02 28.45
N PRO C 44 -7.79 7.29 27.33
CA PRO C 44 -7.43 5.87 27.38
C PRO C 44 -6.00 5.66 27.85
N LYS C 45 -5.79 4.51 28.49
CA LYS C 45 -4.50 4.13 29.03
C LYS C 45 -4.10 2.77 28.46
N LEU C 46 -2.83 2.65 28.07
CA LEU C 46 -2.34 1.39 27.52
C LEU C 46 -2.05 0.39 28.63
N LEU C 47 -2.42 -0.87 28.39
CA LEU C 47 -2.09 -1.97 29.28
C LEU C 47 -1.10 -2.94 28.67
N ILE C 48 -1.36 -3.41 27.46
CA ILE C 48 -0.53 -4.43 26.82
C ILE C 48 -0.15 -3.96 25.43
N TYR C 49 1.09 -4.24 25.01
CA TYR C 49 1.47 -4.12 23.61
C TYR C 49 2.14 -5.42 23.18
N ALA C 50 2.54 -5.48 21.91
CA ALA C 50 2.97 -6.71 21.25
C ALA C 50 1.85 -7.74 21.31
N ALA C 51 1.98 -8.74 22.15
CA ALA C 51 0.86 -9.64 22.40
C ALA C 51 0.60 -9.84 23.89
N GLY C 52 1.65 -9.93 24.70
CA GLY C 52 1.50 -10.12 26.13
C GLY C 52 2.52 -9.36 26.95
N ASN C 53 3.05 -8.27 26.40
CA ASN C 53 4.09 -7.49 27.07
C ASN C 53 3.43 -6.49 28.02
N LEU C 54 3.90 -6.48 29.28
CA LEU C 54 3.35 -5.60 30.30
C LEU C 54 3.95 -4.20 30.20
N GLU C 55 3.13 -3.20 30.53
CA GLU C 55 3.61 -1.83 30.62
C GLU C 55 4.29 -1.61 31.97
N THR C 56 5.17 -0.62 32.02
CA THR C 56 6.04 -0.42 33.18
C THR C 56 5.26 -0.10 34.45
N GLY C 57 4.07 0.47 34.35
CA GLY C 57 3.33 0.85 35.54
C GLY C 57 2.07 0.04 35.79
N VAL C 58 1.69 -0.78 34.82
CA VAL C 58 0.47 -1.58 34.95
C VAL C 58 0.67 -2.64 36.01
N PRO C 59 -0.31 -2.90 36.87
CA PRO C 59 -0.18 -3.97 37.86
C PRO C 59 0.03 -5.32 37.21
N SER C 60 0.79 -6.18 37.87
CA SER C 60 1.18 -7.49 37.34
C SER C 60 0.03 -8.48 37.30
N ARG C 61 -1.21 -8.11 37.58
CA ARG C 61 -2.34 -9.04 37.50
C ARG C 61 -3.02 -9.03 36.13
N PHE C 62 -2.48 -8.27 35.18
CA PHE C 62 -2.98 -8.26 33.80
C PHE C 62 -2.09 -9.15 32.95
N SER C 63 -2.71 -10.06 32.19
CA SER C 63 -1.96 -10.99 31.37
C SER C 63 -2.52 -10.99 29.95
N GLY C 64 -1.65 -11.26 28.99
CA GLY C 64 -2.06 -11.34 27.60
C GLY C 64 -1.42 -12.53 26.91
N SER C 65 -2.18 -13.12 26.01
CA SER C 65 -1.71 -14.30 25.28
C SER C 65 -2.39 -14.35 23.93
N GLY C 66 -1.91 -15.25 23.07
CA GLY C 66 -2.48 -15.45 21.75
C GLY C 66 -1.53 -15.02 20.66
N SER C 67 -1.94 -15.33 19.42
CA SER C 67 -1.11 -15.05 18.27
C SER C 67 -1.89 -15.37 17.00
N GLY C 68 -1.60 -14.62 15.94
CA GLY C 68 -2.17 -14.87 14.63
C GLY C 68 -3.57 -14.31 14.44
N THR C 69 -4.57 -15.00 14.99
CA THR C 69 -5.95 -14.56 14.92
C THR C 69 -6.57 -14.36 16.29
N ASP C 70 -6.39 -15.31 17.21
CA ASP C 70 -6.97 -15.22 18.54
C ASP C 70 -6.02 -14.52 19.50
N PHE C 71 -6.60 -13.73 20.41
CA PHE C 71 -5.87 -13.11 21.49
C PHE C 71 -6.75 -13.07 22.72
N THR C 72 -6.14 -13.09 23.89
CA THR C 72 -6.86 -13.20 25.15
C THR C 72 -6.21 -12.32 26.20
N LEU C 73 -7.03 -11.55 26.92
CA LEU C 73 -6.61 -10.73 28.04
C LEU C 73 -7.24 -11.29 29.32
N THR C 74 -6.44 -11.36 30.39
CA THR C 74 -6.84 -12.02 31.63
C THR C 74 -6.59 -11.11 32.81
N ILE C 75 -7.63 -10.91 33.63
CA ILE C 75 -7.51 -10.21 34.90
C ILE C 75 -7.65 -11.25 36.01
N SER C 76 -6.58 -11.44 36.78
CA SER C 76 -6.52 -12.51 37.77
C SER C 76 -7.18 -12.12 39.10
N ASP C 77 -6.63 -11.11 39.77
CA ASP C 77 -7.18 -10.68 41.05
C ASP C 77 -7.90 -9.35 40.90
N LEU C 78 -9.19 -9.40 40.58
CA LEU C 78 -9.93 -8.18 40.27
C LEU C 78 -10.05 -7.30 41.50
N GLN C 79 -9.82 -6.00 41.31
CA GLN C 79 -9.91 -5.01 42.36
C GLN C 79 -11.02 -4.02 42.04
N ALA C 80 -11.22 -3.05 42.93
CA ALA C 80 -12.29 -2.07 42.79
C ALA C 80 -12.00 -1.02 41.72
N GLU C 81 -10.74 -0.86 41.31
CA GLU C 81 -10.36 0.13 40.31
C GLU C 81 -10.17 -0.51 38.93
N ASP C 82 -10.62 -1.74 38.76
CA ASP C 82 -10.46 -2.46 37.49
C ASP C 82 -11.79 -2.59 36.74
N PHE C 83 -12.75 -1.73 37.04
CA PHE C 83 -14.02 -1.70 36.32
C PHE C 83 -13.97 -0.57 35.29
N ALA C 84 -13.77 -0.93 34.03
CA ALA C 84 -13.59 0.04 32.96
C ALA C 84 -13.94 -0.63 31.64
N THR C 85 -13.59 0.01 30.53
CA THR C 85 -13.80 -0.54 29.20
C THR C 85 -12.45 -0.84 28.55
N TYR C 86 -12.36 -1.99 27.89
CA TYR C 86 -11.11 -2.48 27.35
C TYR C 86 -11.21 -2.62 25.84
N TYR C 87 -10.16 -2.20 25.12
CA TYR C 87 -10.12 -2.21 23.67
C TYR C 87 -8.88 -2.94 23.17
N CYS C 88 -9.03 -3.66 22.05
CA CYS C 88 -7.91 -4.28 21.36
C CYS C 88 -7.73 -3.62 20.00
N GLN C 89 -6.50 -3.20 19.71
CA GLN C 89 -6.18 -2.51 18.47
C GLN C 89 -5.08 -3.26 17.73
N GLN C 90 -5.25 -3.40 16.41
CA GLN C 90 -4.22 -3.95 15.54
C GLN C 90 -3.32 -2.84 15.01
N ALA C 91 -2.06 -3.19 14.74
CA ALA C 91 -1.08 -2.23 14.25
C ALA C 91 -0.22 -2.84 13.16
N ASP C 92 -0.83 -3.56 12.22
CA ASP C 92 -0.07 -4.17 11.14
C ASP C 92 -0.49 -3.71 9.75
N SER C 93 -1.76 -3.34 9.56
CA SER C 93 -2.25 -2.91 8.26
C SER C 93 -2.94 -1.57 8.38
N PHE C 94 -2.88 -0.78 7.31
CA PHE C 94 -3.56 0.50 7.33
C PHE C 94 -4.85 0.44 6.53
N PRO C 95 -5.92 1.08 7.00
CA PRO C 95 -5.98 1.89 8.22
C PRO C 95 -6.04 1.07 9.51
N LEU C 96 -5.49 1.62 10.59
CA LEU C 96 -5.52 0.95 11.88
C LEU C 96 -6.95 0.90 12.42
N THR C 97 -7.27 -0.19 13.10
CA THR C 97 -8.62 -0.45 13.56
C THR C 97 -8.62 -0.76 15.05
N PHE C 98 -9.72 -0.42 15.71
CA PHE C 98 -9.91 -0.65 17.14
C PHE C 98 -11.00 -1.70 17.35
N GLY C 99 -10.98 -2.29 18.54
CA GLY C 99 -12.02 -3.25 18.89
C GLY C 99 -13.30 -2.57 19.33
N GLY C 100 -14.35 -3.40 19.44
CA GLY C 100 -15.65 -2.86 19.84
C GLY C 100 -15.66 -2.35 21.27
N GLY C 101 -15.05 -3.09 22.19
CA GLY C 101 -15.03 -2.69 23.59
C GLY C 101 -15.80 -3.62 24.49
N THR C 102 -15.25 -3.90 25.67
CA THR C 102 -15.89 -4.77 26.65
C THR C 102 -15.93 -4.05 28.00
N LYS C 103 -17.09 -4.08 28.65
CA LYS C 103 -17.31 -3.39 29.91
C LYS C 103 -17.38 -4.40 31.04
N VAL C 104 -16.66 -4.13 32.12
CA VAL C 104 -16.62 -5.01 33.29
C VAL C 104 -17.40 -4.33 34.39
N ASP C 105 -18.41 -5.02 34.91
CA ASP C 105 -19.34 -4.47 35.89
C ASP C 105 -19.25 -5.23 37.20
N ILE C 106 -19.86 -4.66 38.24
CA ILE C 106 -19.91 -5.28 39.56
C ILE C 106 -21.05 -6.29 39.57
N LYS C 107 -20.80 -7.46 40.14
CA LYS C 107 -21.80 -8.52 40.23
C LYS C 107 -22.48 -8.47 41.59
N ARG C 108 -23.80 -8.59 41.59
CA ARG C 108 -24.58 -8.59 42.82
C ARG C 108 -25.87 -9.37 42.58
N THR C 109 -26.69 -9.46 43.62
CA THR C 109 -27.93 -10.22 43.53
C THR C 109 -28.89 -9.55 42.55
N VAL C 110 -29.74 -10.37 41.92
CA VAL C 110 -30.70 -9.85 40.97
C VAL C 110 -31.75 -9.02 41.68
N ALA C 111 -32.01 -7.82 41.16
CA ALA C 111 -32.98 -6.91 41.74
C ALA C 111 -34.03 -6.56 40.70
N ALA C 112 -35.27 -6.53 41.12
CA ALA C 112 -36.38 -6.19 40.24
C ALA C 112 -36.46 -4.68 40.02
N PRO C 113 -36.96 -4.24 38.87
CA PRO C 113 -37.12 -2.83 38.62
C PRO C 113 -38.46 -2.18 39.00
N SER C 114 -38.41 -1.18 39.87
CA SER C 114 -39.62 -0.44 40.20
C SER C 114 -40.01 0.44 39.02
N VAL C 115 -41.21 0.25 38.50
CA VAL C 115 -41.66 0.90 37.27
C VAL C 115 -42.65 1.98 37.64
N PHE C 116 -42.37 3.21 37.19
CA PHE C 116 -43.28 4.34 37.36
C PHE C 116 -43.55 4.96 36.00
N ILE C 117 -44.69 5.62 35.89
CA ILE C 117 -45.09 6.29 34.65
C ILE C 117 -45.40 7.75 34.96
N PHE C 118 -45.13 8.62 33.99
CA PHE C 118 -45.31 10.05 34.16
C PHE C 118 -45.96 10.65 32.91
N PRO C 119 -47.18 11.14 33.03
CA PRO C 119 -47.87 11.77 31.90
C PRO C 119 -47.33 13.17 31.65
N PRO C 120 -47.66 13.78 30.51
CA PRO C 120 -47.15 15.13 30.24
C PRO C 120 -47.99 16.20 30.92
N SER C 121 -47.32 17.13 31.59
CA SER C 121 -47.99 18.13 32.40
C SER C 121 -48.77 19.10 31.52
N ASP C 122 -49.69 19.83 32.15
CA ASP C 122 -50.53 20.79 31.43
C ASP C 122 -49.69 21.91 30.83
N GLU C 123 -48.66 22.34 31.57
CA GLU C 123 -47.81 23.44 31.14
C GLU C 123 -47.18 23.18 29.77
N GLN C 124 -46.60 22.00 29.60
CA GLN C 124 -45.95 21.67 28.34
C GLN C 124 -46.95 21.52 27.20
N LEU C 125 -48.20 21.15 27.50
CA LEU C 125 -49.20 20.98 26.45
C LEU C 125 -49.49 22.29 25.73
N LYS C 126 -49.30 23.42 26.40
CA LYS C 126 -49.45 24.71 25.74
C LYS C 126 -48.40 24.90 24.65
N SER C 127 -47.17 24.44 24.92
CA SER C 127 -46.09 24.60 23.96
C SER C 127 -46.36 23.87 22.66
N GLY C 128 -46.87 22.64 22.74
CA GLY C 128 -47.21 21.89 21.55
C GLY C 128 -46.55 20.53 21.44
N THR C 129 -45.84 20.13 22.48
CA THR C 129 -45.15 18.84 22.51
C THR C 129 -45.52 18.10 23.78
N ALA C 130 -45.45 16.77 23.73
CA ALA C 130 -45.73 15.92 24.88
C ALA C 130 -44.64 14.87 24.99
N SER C 131 -44.27 14.55 26.22
CA SER C 131 -43.24 13.55 26.51
C SER C 131 -43.73 12.68 27.67
N VAL C 132 -44.03 11.42 27.38
CA VAL C 132 -44.43 10.46 28.40
C VAL C 132 -43.19 9.75 28.90
N VAL C 133 -43.06 9.65 30.22
CA VAL C 133 -41.84 9.13 30.84
C VAL C 133 -42.12 7.78 31.50
N CYS C 134 -41.29 6.79 31.18
CA CYS C 134 -41.30 5.51 31.89
C CYS C 134 -39.99 5.41 32.66
N LEU C 135 -40.09 5.17 33.97
CA LEU C 135 -38.95 5.22 34.88
C LEU C 135 -38.75 3.84 35.49
N LEU C 136 -37.57 3.25 35.28
CA LEU C 136 -37.20 1.98 35.87
C LEU C 136 -36.14 2.25 36.93
N ASN C 137 -36.43 1.89 38.18
CA ASN C 137 -35.60 2.26 39.31
C ASN C 137 -35.04 1.03 40.01
N ASN C 138 -33.73 1.09 40.27
CA ASN C 138 -33.04 0.14 41.14
C ASN C 138 -33.15 -1.30 40.68
N PHE C 139 -32.56 -1.63 39.53
CA PHE C 139 -32.60 -2.99 39.01
C PHE C 139 -31.20 -3.48 38.68
N TYR C 140 -31.12 -4.77 38.37
CA TYR C 140 -29.91 -5.48 37.98
C TYR C 140 -30.32 -6.81 37.37
N PRO C 141 -29.69 -7.24 36.25
CA PRO C 141 -28.60 -6.60 35.53
C PRO C 141 -29.04 -5.46 34.62
N ARG C 142 -28.18 -5.10 33.66
CA ARG C 142 -28.33 -3.93 32.82
C ARG C 142 -29.43 -4.10 31.76
N GLU C 143 -29.67 -5.31 31.29
CA GLU C 143 -30.63 -5.54 30.20
C GLU C 143 -32.03 -5.21 30.68
N ALA C 144 -32.65 -4.21 30.05
CA ALA C 144 -33.97 -3.74 30.43
C ALA C 144 -35.05 -4.11 29.42
N LYS C 145 -34.85 -3.76 28.16
CA LYS C 145 -35.77 -4.10 27.07
C LYS C 145 -37.18 -3.55 27.36
N VAL C 146 -37.26 -2.22 27.34
CA VAL C 146 -38.52 -1.51 27.56
C VAL C 146 -39.21 -1.29 26.22
N GLN C 147 -40.53 -1.45 26.19
CA GLN C 147 -41.32 -1.26 24.99
C GLN C 147 -42.51 -0.36 25.30
N TRP C 148 -42.99 0.34 24.28
CA TRP C 148 -44.06 1.32 24.42
C TRP C 148 -45.30 0.83 23.69
N LYS C 149 -46.45 0.93 24.35
CA LYS C 149 -47.73 0.51 23.79
C LYS C 149 -48.71 1.68 23.84
N VAL C 150 -49.30 2.00 22.69
CA VAL C 150 -50.36 3.01 22.61
C VAL C 150 -51.56 2.31 22.00
N ASP C 151 -52.64 2.16 22.78
CA ASP C 151 -53.79 1.36 22.39
C ASP C 151 -53.36 -0.06 21.99
N ASN C 152 -52.45 -0.64 22.77
CA ASN C 152 -51.94 -1.99 22.57
C ASN C 152 -51.24 -2.13 21.22
N ALA C 153 -50.66 -1.04 20.72
CA ALA C 153 -49.95 -1.05 19.45
C ALA C 153 -48.48 -0.74 19.68
N LEU C 154 -47.60 -1.53 19.07
CA LEU C 154 -46.17 -1.34 19.22
C LEU C 154 -45.75 -0.05 18.53
N GLN C 155 -44.90 0.72 19.21
CA GLN C 155 -44.34 1.95 18.69
C GLN C 155 -42.85 1.79 18.45
N SER C 156 -42.38 2.27 17.30
CA SER C 156 -40.98 2.10 16.93
C SER C 156 -40.43 3.43 16.41
N GLY C 157 -39.19 3.73 16.79
CA GLY C 157 -38.51 4.92 16.32
C GLY C 157 -38.96 6.22 16.95
N ASN C 158 -39.76 6.17 18.01
CA ASN C 158 -40.29 7.36 18.63
C ASN C 158 -39.70 7.66 20.01
N SER C 159 -39.02 6.71 20.62
CA SER C 159 -38.53 6.86 21.99
C SER C 159 -37.01 6.83 22.01
N GLN C 160 -36.46 7.45 23.06
CA GLN C 160 -35.03 7.50 23.30
C GLN C 160 -34.74 7.05 24.71
N GLU C 161 -33.57 6.44 24.92
CA GLU C 161 -33.22 5.84 26.19
C GLU C 161 -32.05 6.57 26.83
N SER C 162 -32.02 6.53 28.16
CA SER C 162 -30.95 7.14 28.94
C SER C 162 -30.76 6.31 30.20
N VAL C 163 -29.52 5.89 30.45
CA VAL C 163 -29.21 5.04 31.59
C VAL C 163 -28.14 5.72 32.43
N THR C 164 -28.10 5.35 33.71
CA THR C 164 -27.10 5.84 34.63
C THR C 164 -25.98 4.82 34.80
N GLU C 165 -24.90 5.28 35.42
CA GLU C 165 -23.82 4.37 35.78
C GLU C 165 -24.21 3.58 37.03
N GLN C 166 -23.40 2.59 37.36
CA GLN C 166 -23.64 1.80 38.56
C GLN C 166 -23.56 2.68 39.80
N ASP C 167 -24.53 2.53 40.69
CA ASP C 167 -24.56 3.33 41.90
C ASP C 167 -23.38 2.96 42.80
N SER C 168 -22.80 3.98 43.45
CA SER C 168 -21.66 3.76 44.31
C SER C 168 -22.05 3.10 45.63
N LYS C 169 -23.33 3.07 45.97
CA LYS C 169 -23.76 2.50 47.24
C LYS C 169 -24.18 1.04 47.10
N ASP C 170 -25.16 0.77 46.24
CA ASP C 170 -25.73 -0.57 46.12
C ASP C 170 -25.51 -1.21 44.76
N SER C 171 -24.65 -0.61 43.91
CA SER C 171 -24.30 -1.15 42.60
C SER C 171 -25.54 -1.52 41.78
N THR C 172 -26.47 -0.59 41.70
CA THR C 172 -27.70 -0.76 40.93
C THR C 172 -27.74 0.24 39.77
N TYR C 173 -28.69 0.02 38.87
CA TYR C 173 -28.87 0.85 37.69
C TYR C 173 -30.19 1.60 37.75
N SER C 174 -30.39 2.47 36.77
CA SER C 174 -31.66 3.19 36.60
C SER C 174 -31.81 3.54 35.13
N LEU C 175 -33.07 3.57 34.67
CA LEU C 175 -33.36 3.82 33.27
C LEU C 175 -34.55 4.76 33.15
N SER C 176 -34.53 5.59 32.10
CA SER C 176 -35.65 6.47 31.80
C SER C 176 -35.87 6.47 30.29
N SER C 177 -37.08 6.14 29.87
CA SER C 177 -37.44 6.16 28.46
C SER C 177 -38.51 7.22 28.22
N THR C 178 -38.29 8.08 27.24
CA THR C 178 -39.19 9.18 26.93
C THR C 178 -39.81 8.98 25.56
N LEU C 179 -41.14 8.98 25.52
CA LEU C 179 -41.89 8.95 24.27
C LEU C 179 -42.30 10.38 23.94
N THR C 180 -41.70 10.94 22.89
CA THR C 180 -41.92 12.33 22.51
C THR C 180 -42.78 12.38 21.25
N LEU C 181 -43.87 13.15 21.33
CA LEU C 181 -44.76 13.29 20.19
C LEU C 181 -45.40 14.68 20.24
N SER C 182 -46.20 14.97 19.23
CA SER C 182 -46.82 16.28 19.11
C SER C 182 -48.06 16.37 19.99
N LYS C 183 -48.49 17.61 20.24
CA LYS C 183 -49.71 17.82 21.01
C LYS C 183 -50.94 17.31 20.25
N ALA C 184 -50.98 17.53 18.94
CA ALA C 184 -52.09 17.02 18.14
C ALA C 184 -52.11 15.49 18.13
N ASP C 185 -50.94 14.87 17.99
CA ASP C 185 -50.87 13.42 18.02
C ASP C 185 -51.20 12.84 19.38
N TYR C 186 -51.05 13.63 20.45
CA TYR C 186 -51.33 13.13 21.79
C TYR C 186 -52.82 12.98 22.05
N GLU C 187 -53.63 13.91 21.55
CA GLU C 187 -55.07 13.85 21.74
C GLU C 187 -55.73 12.78 20.88
N LYS C 188 -55.01 12.20 19.92
CA LYS C 188 -55.58 11.16 19.07
C LYS C 188 -55.92 9.91 19.87
N HIS C 189 -55.03 9.51 20.78
CA HIS C 189 -55.19 8.29 21.55
C HIS C 189 -55.67 8.59 22.97
N LYS C 190 -55.89 7.53 23.74
CA LYS C 190 -56.44 7.69 25.09
C LYS C 190 -55.65 6.88 26.12
N VAL C 191 -55.01 5.80 25.70
CA VAL C 191 -54.35 4.87 26.61
C VAL C 191 -52.88 4.79 26.24
N TYR C 192 -52.00 4.94 27.24
CA TYR C 192 -50.57 4.77 27.04
C TYR C 192 -50.03 3.79 28.08
N ALA C 193 -48.98 3.07 27.69
CA ALA C 193 -48.39 2.10 28.61
C ALA C 193 -46.95 1.81 28.20
N CYS C 194 -46.15 1.38 29.17
CA CYS C 194 -44.81 0.89 28.92
C CYS C 194 -44.65 -0.45 29.61
N GLU C 195 -44.03 -1.40 28.90
CA GLU C 195 -43.83 -2.76 29.36
C GLU C 195 -42.35 -3.06 29.50
N VAL C 196 -42.00 -3.79 30.56
CA VAL C 196 -40.62 -4.11 30.89
C VAL C 196 -40.49 -5.61 31.05
N THR C 197 -39.47 -6.18 30.39
CA THR C 197 -39.13 -7.58 30.52
C THR C 197 -37.72 -7.68 31.10
N HIS C 198 -37.62 -8.26 32.30
CA HIS C 198 -36.34 -8.30 33.00
C HIS C 198 -36.12 -9.68 33.59
N GLN C 199 -34.85 -9.99 33.86
CA GLN C 199 -34.50 -11.28 34.43
C GLN C 199 -35.12 -11.48 35.81
N GLY C 200 -35.16 -10.42 36.61
CA GLY C 200 -35.71 -10.51 37.95
C GLY C 200 -37.22 -10.59 38.02
N LEU C 201 -37.91 -10.40 36.89
CA LEU C 201 -39.36 -10.46 36.84
C LEU C 201 -39.81 -11.76 36.20
N SER C 202 -40.71 -12.47 36.87
CA SER C 202 -41.27 -13.69 36.31
C SER C 202 -42.08 -13.39 35.05
N SER C 203 -42.86 -12.30 35.08
CA SER C 203 -43.67 -11.88 33.95
C SER C 203 -43.39 -10.43 33.63
N PRO C 204 -43.59 -10.02 32.37
CA PRO C 204 -43.40 -8.61 32.02
C PRO C 204 -44.33 -7.71 32.81
N VAL C 205 -43.82 -6.54 33.18
CA VAL C 205 -44.55 -5.59 34.01
C VAL C 205 -45.00 -4.42 33.14
N THR C 206 -46.30 -4.13 33.17
CA THR C 206 -46.89 -3.07 32.36
C THR C 206 -47.39 -1.96 33.28
N LYS C 207 -47.00 -0.72 32.98
CA LYS C 207 -47.51 0.45 33.67
C LYS C 207 -48.23 1.33 32.65
N SER C 208 -49.47 1.69 32.96
CA SER C 208 -50.34 2.35 31.99
C SER C 208 -51.08 3.52 32.64
N PHE C 209 -51.53 4.42 31.79
CA PHE C 209 -52.37 5.54 32.23
C PHE C 209 -53.28 5.97 31.09
N ASN C 210 -54.31 6.72 31.46
CA ASN C 210 -55.32 7.22 30.54
C ASN C 210 -55.29 8.74 30.54
N ARG C 211 -55.62 9.34 29.39
CA ARG C 211 -55.61 10.78 29.26
C ARG C 211 -56.67 11.42 30.15
N GLY C 212 -56.22 12.16 31.16
CA GLY C 212 -57.12 12.80 32.09
C GLY C 212 -57.45 11.95 33.30
N GLN D 1 31.25 14.79 -21.22
CA GLN D 1 29.93 14.39 -20.72
C GLN D 1 29.91 12.90 -20.39
N VAL D 2 28.94 12.51 -19.55
CA VAL D 2 28.84 11.11 -19.15
C VAL D 2 28.30 10.29 -20.33
N GLN D 3 28.91 9.13 -20.56
CA GLN D 3 28.51 8.26 -21.66
C GLN D 3 29.17 6.89 -21.47
N LEU D 4 28.56 5.89 -22.10
CA LEU D 4 29.01 4.51 -22.03
C LEU D 4 29.03 3.94 -23.45
N VAL D 5 30.06 3.13 -23.75
CA VAL D 5 30.26 2.57 -25.08
C VAL D 5 30.43 1.07 -24.96
N GLU D 6 29.63 0.32 -25.71
CA GLU D 6 29.65 -1.14 -25.70
C GLU D 6 30.47 -1.68 -26.86
N SER D 7 31.06 -2.86 -26.66
CA SER D 7 31.84 -3.50 -27.71
C SER D 7 32.03 -4.98 -27.38
N GLY D 8 31.87 -5.82 -28.40
CA GLY D 8 32.15 -7.24 -28.24
C GLY D 8 31.08 -8.17 -28.76
N GLY D 9 30.09 -7.63 -29.47
CA GLY D 9 29.03 -8.46 -30.01
C GLY D 9 29.47 -9.23 -31.24
N GLY D 10 28.55 -10.01 -31.77
CA GLY D 10 28.83 -10.77 -32.98
C GLY D 10 28.06 -12.08 -32.98
N LEU D 11 28.51 -12.98 -33.85
CA LEU D 11 27.87 -14.26 -34.09
C LEU D 11 28.64 -15.36 -33.40
N VAL D 12 27.93 -16.21 -32.65
CA VAL D 12 28.53 -17.32 -31.91
C VAL D 12 27.66 -18.55 -32.10
N GLN D 13 28.28 -19.70 -32.34
CA GLN D 13 27.55 -20.94 -32.42
C GLN D 13 26.99 -21.34 -31.05
N PRO D 14 25.89 -22.08 -31.02
CA PRO D 14 25.33 -22.49 -29.72
C PRO D 14 26.33 -23.30 -28.92
N GLY D 15 26.35 -23.05 -27.60
CA GLY D 15 27.31 -23.67 -26.73
C GLY D 15 28.67 -22.99 -26.71
N GLY D 16 28.82 -21.86 -27.40
CA GLY D 16 30.09 -21.17 -27.47
C GLY D 16 30.33 -20.26 -26.29
N SER D 17 31.04 -19.16 -26.54
CA SER D 17 31.36 -18.20 -25.49
C SER D 17 31.53 -16.82 -26.11
N LEU D 18 31.43 -15.80 -25.26
CA LEU D 18 31.60 -14.41 -25.69
C LEU D 18 31.95 -13.57 -24.47
N ARG D 19 32.37 -12.33 -24.74
CA ARG D 19 32.72 -11.39 -23.69
C ARG D 19 32.48 -9.98 -24.20
N LEU D 20 31.58 -9.25 -23.56
CA LEU D 20 31.31 -7.87 -23.91
C LEU D 20 31.91 -6.92 -22.89
N SER D 21 32.35 -5.75 -23.37
CA SER D 21 32.93 -4.72 -22.54
C SER D 21 32.15 -3.43 -22.73
N CYS D 22 32.10 -2.63 -21.67
CA CYS D 22 31.43 -1.33 -21.68
C CYS D 22 32.34 -0.33 -20.99
N ALA D 23 32.79 0.67 -21.73
CA ALA D 23 33.71 1.69 -21.22
C ALA D 23 32.94 2.96 -20.92
N ALA D 24 33.20 3.53 -19.75
CA ALA D 24 32.48 4.71 -19.26
C ALA D 24 33.41 5.91 -19.23
N SER D 25 32.86 7.08 -19.56
CA SER D 25 33.63 8.31 -19.52
C SER D 25 32.72 9.46 -19.09
N GLY D 26 33.29 10.39 -18.33
CA GLY D 26 32.56 11.56 -17.91
C GLY D 26 32.37 11.70 -16.41
N PHE D 27 32.10 10.59 -15.74
CA PHE D 27 31.85 10.56 -14.30
C PHE D 27 32.92 9.72 -13.61
N THR D 28 32.78 9.60 -12.29
CA THR D 28 33.67 8.76 -11.50
C THR D 28 33.13 7.34 -11.49
N PHE D 29 33.94 6.39 -11.97
CA PHE D 29 33.46 5.02 -12.16
C PHE D 29 33.36 4.25 -10.86
N SER D 30 34.18 4.57 -9.86
CA SER D 30 34.25 3.79 -8.64
C SER D 30 33.19 4.15 -7.62
N SER D 31 32.33 5.13 -7.92
CA SER D 31 31.32 5.59 -6.97
C SER D 31 29.90 5.18 -7.39
N TYR D 32 29.78 4.23 -8.31
CA TYR D 32 28.47 3.84 -8.83
C TYR D 32 28.45 2.35 -9.13
N GLY D 33 27.30 1.73 -8.89
CA GLY D 33 27.08 0.36 -9.31
C GLY D 33 26.47 0.29 -10.70
N MET D 34 26.73 -0.82 -11.39
CA MET D 34 26.38 -0.92 -12.80
C MET D 34 25.53 -2.16 -13.08
N HIS D 35 24.61 -2.01 -14.03
CA HIS D 35 23.67 -3.06 -14.42
C HIS D 35 23.84 -3.41 -15.89
N TRP D 36 23.48 -4.65 -16.21
CA TRP D 36 23.40 -5.13 -17.59
C TRP D 36 21.94 -5.43 -17.90
N VAL D 37 21.44 -4.90 -19.02
CA VAL D 37 20.09 -5.15 -19.47
C VAL D 37 20.15 -5.68 -20.89
N ARG D 38 19.11 -6.38 -21.31
CA ARG D 38 19.08 -6.96 -22.65
C ARG D 38 17.67 -6.90 -23.22
N GLN D 39 17.61 -6.87 -24.55
CA GLN D 39 16.34 -6.78 -25.28
C GLN D 39 16.40 -7.73 -26.46
N ALA D 40 15.48 -8.70 -26.49
CA ALA D 40 15.37 -9.63 -27.60
C ALA D 40 14.68 -8.96 -28.78
N PRO D 41 14.93 -9.45 -30.00
CA PRO D 41 14.29 -8.84 -31.18
C PRO D 41 12.77 -8.90 -31.09
N GLY D 42 12.15 -7.72 -31.13
CA GLY D 42 10.71 -7.63 -31.02
C GLY D 42 10.15 -7.94 -29.66
N LYS D 43 10.96 -7.84 -28.61
CA LYS D 43 10.51 -8.18 -27.27
C LYS D 43 10.75 -7.03 -26.30
N GLY D 44 10.52 -7.28 -25.01
CA GLY D 44 10.67 -6.26 -23.99
C GLY D 44 12.03 -6.30 -23.30
N LEU D 45 12.17 -5.43 -22.31
CA LEU D 45 13.42 -5.31 -21.58
C LEU D 45 13.53 -6.39 -20.51
N GLU D 46 14.75 -6.87 -20.30
CA GLU D 46 15.02 -7.91 -19.31
C GLU D 46 16.30 -7.58 -18.58
N TRP D 47 16.21 -7.49 -17.26
CA TRP D 47 17.37 -7.24 -16.41
C TRP D 47 18.21 -8.50 -16.27
N VAL D 48 19.54 -8.34 -16.30
CA VAL D 48 20.47 -9.46 -16.34
C VAL D 48 21.31 -9.56 -15.06
N ALA D 49 22.12 -8.53 -14.77
CA ALA D 49 23.04 -8.63 -13.65
C ALA D 49 23.34 -7.24 -13.10
N VAL D 50 23.80 -7.20 -11.85
CA VAL D 50 24.16 -5.98 -11.15
C VAL D 50 25.48 -6.19 -10.44
N ILE D 51 26.33 -5.18 -10.44
CA ILE D 51 27.61 -5.22 -9.73
C ILE D 51 27.78 -3.93 -8.93
N SER D 52 28.36 -4.05 -7.75
CA SER D 52 28.55 -2.94 -6.83
C SER D 52 29.82 -2.17 -7.20
N TYR D 53 30.19 -1.19 -6.38
CA TYR D 53 31.30 -0.30 -6.69
C TYR D 53 32.66 -0.97 -6.51
N ASP D 54 32.73 -2.13 -5.87
CA ASP D 54 34.00 -2.82 -5.71
C ASP D 54 33.90 -4.33 -5.92
N GLY D 55 32.81 -4.80 -6.54
CA GLY D 55 32.67 -6.20 -6.88
C GLY D 55 32.56 -7.14 -5.69
N SER D 56 31.76 -6.76 -4.69
CA SER D 56 31.54 -7.61 -3.54
C SER D 56 30.08 -8.04 -3.39
N ASP D 57 29.21 -7.67 -4.33
CA ASP D 57 27.81 -8.06 -4.27
C ASP D 57 27.29 -8.16 -5.71
N LYS D 58 27.17 -9.38 -6.20
CA LYS D 58 26.69 -9.65 -7.55
C LYS D 58 25.38 -10.43 -7.49
N TYR D 59 24.43 -10.06 -8.34
CA TYR D 59 23.15 -10.74 -8.41
C TYR D 59 22.75 -10.91 -9.86
N TYR D 60 22.23 -12.09 -10.19
CA TYR D 60 21.88 -12.44 -11.56
C TYR D 60 20.43 -12.87 -11.62
N ALA D 61 19.91 -12.95 -12.85
CA ALA D 61 18.55 -13.42 -13.07
C ALA D 61 18.51 -14.95 -13.01
N ASP D 62 17.30 -15.49 -12.90
CA ASP D 62 17.14 -16.93 -12.80
C ASP D 62 17.49 -17.63 -14.11
N SER D 63 17.35 -16.94 -15.23
CA SER D 63 17.61 -17.54 -16.54
C SER D 63 19.07 -17.44 -16.97
N VAL D 64 19.91 -16.74 -16.21
CA VAL D 64 21.31 -16.57 -16.58
C VAL D 64 22.21 -17.01 -15.43
N LYS D 65 21.63 -17.65 -14.43
CA LYS D 65 22.41 -18.05 -13.26
C LYS D 65 23.38 -19.18 -13.63
N GLY D 66 24.62 -19.02 -13.20
CA GLY D 66 25.67 -20.00 -13.48
C GLY D 66 26.39 -19.82 -14.80
N ARG D 67 25.65 -19.52 -15.86
CA ARG D 67 26.25 -19.37 -17.18
C ARG D 67 26.95 -18.03 -17.34
N PHE D 68 26.41 -16.97 -16.76
CA PHE D 68 26.93 -15.62 -16.95
C PHE D 68 27.81 -15.21 -15.78
N THR D 69 28.73 -14.28 -16.05
CA THR D 69 29.60 -13.74 -15.02
C THR D 69 29.84 -12.26 -15.26
N ILE D 70 29.63 -11.44 -14.23
CA ILE D 70 29.83 -10.00 -14.33
C ILE D 70 31.12 -9.63 -13.62
N SER D 71 31.80 -8.60 -14.13
CA SER D 71 33.04 -8.15 -13.55
C SER D 71 33.25 -6.69 -13.93
N ARG D 72 34.19 -6.05 -13.24
CA ARG D 72 34.50 -4.66 -13.53
C ARG D 72 35.96 -4.36 -13.17
N ASP D 73 36.56 -3.46 -13.94
CA ASP D 73 37.90 -2.95 -13.68
C ASP D 73 37.80 -1.45 -13.49
N ASN D 74 38.23 -0.98 -12.31
CA ASN D 74 38.10 0.43 -11.96
C ASN D 74 39.26 1.27 -12.45
N SER D 75 40.44 0.66 -12.65
CA SER D 75 41.56 1.38 -13.24
C SER D 75 41.38 1.60 -14.73
N LYS D 76 40.77 0.64 -15.44
CA LYS D 76 40.49 0.77 -16.86
C LYS D 76 39.12 1.37 -17.13
N ASN D 77 38.31 1.60 -16.10
CA ASN D 77 36.97 2.16 -16.23
C ASN D 77 36.11 1.31 -17.17
N THR D 78 36.12 0.00 -16.96
CA THR D 78 35.46 -0.92 -17.87
C THR D 78 34.58 -1.90 -17.09
N LEU D 79 33.51 -2.36 -17.74
CA LEU D 79 32.58 -3.33 -17.20
C LEU D 79 32.49 -4.50 -18.15
N TYR D 80 32.72 -5.71 -17.66
CA TYR D 80 32.78 -6.91 -18.49
C TYR D 80 31.66 -7.87 -18.16
N LEU D 81 31.08 -8.46 -19.19
CA LEU D 81 30.10 -9.54 -19.06
C LEU D 81 30.58 -10.74 -19.88
N GLN D 82 30.69 -11.90 -19.23
CA GLN D 82 31.14 -13.12 -19.87
C GLN D 82 30.00 -14.12 -19.92
N MET D 83 29.80 -14.73 -21.09
CA MET D 83 28.70 -15.64 -21.35
C MET D 83 29.26 -17.01 -21.73
N ASN D 84 29.05 -17.99 -20.85
CA ASN D 84 29.40 -19.37 -21.13
C ASN D 84 28.13 -20.18 -21.36
N SER D 85 28.27 -21.24 -22.16
CA SER D 85 27.14 -22.10 -22.53
C SER D 85 26.02 -21.27 -23.16
N LEU D 86 26.38 -20.52 -24.18
CA LEU D 86 25.43 -19.64 -24.86
C LEU D 86 24.29 -20.43 -25.47
N ARG D 87 23.06 -19.95 -25.28
CA ARG D 87 21.87 -20.61 -25.78
C ARG D 87 21.30 -19.84 -26.96
N ALA D 88 20.31 -20.45 -27.62
CA ALA D 88 19.69 -19.85 -28.78
C ALA D 88 18.72 -18.73 -28.43
N GLU D 89 18.31 -18.63 -27.17
CA GLU D 89 17.43 -17.57 -26.72
C GLU D 89 18.18 -16.43 -26.05
N ASP D 90 19.51 -16.44 -26.11
CA ASP D 90 20.33 -15.36 -25.59
C ASP D 90 20.67 -14.33 -26.66
N THR D 91 20.14 -14.49 -27.87
CA THR D 91 20.36 -13.55 -28.96
C THR D 91 19.59 -12.27 -28.67
N ALA D 92 20.30 -11.16 -28.50
CA ALA D 92 19.66 -9.92 -28.08
C ALA D 92 20.64 -8.76 -28.19
N VAL D 93 20.12 -7.56 -27.92
CA VAL D 93 20.93 -6.35 -27.78
C VAL D 93 21.18 -6.12 -26.30
N TYR D 94 22.41 -5.76 -25.96
CA TYR D 94 22.83 -5.61 -24.58
C TYR D 94 23.20 -4.15 -24.30
N TYR D 95 22.77 -3.67 -23.13
CA TYR D 95 23.01 -2.31 -22.67
C TYR D 95 23.65 -2.34 -21.29
N CYS D 96 24.59 -1.42 -21.07
CA CYS D 96 25.17 -1.19 -19.75
C CYS D 96 24.62 0.10 -19.18
N ALA D 97 24.15 0.06 -17.94
CA ALA D 97 23.53 1.20 -17.29
C ALA D 97 24.19 1.47 -15.95
N ARG D 98 24.08 2.71 -15.49
CA ARG D 98 24.69 3.15 -14.24
C ARG D 98 23.61 3.53 -13.25
N ASP D 99 23.79 3.12 -12.00
CA ASP D 99 22.84 3.41 -10.94
C ASP D 99 23.21 4.73 -10.24
N ARG D 100 22.33 5.14 -9.31
CA ARG D 100 22.55 6.38 -8.57
C ARG D 100 23.31 6.18 -7.27
N ASP D 101 23.56 4.93 -6.87
CA ASP D 101 24.29 4.62 -5.65
C ASP D 101 25.44 3.68 -5.97
N ARG D 102 26.16 3.27 -4.92
CA ARG D 102 27.29 2.36 -5.07
C ARG D 102 26.91 0.89 -5.04
N PHE D 103 25.71 0.56 -4.54
CA PHE D 103 25.37 -0.83 -4.28
C PHE D 103 24.34 -1.28 -5.30
N GLY D 104 23.19 -0.62 -5.41
CA GLY D 104 22.21 -0.99 -6.42
C GLY D 104 21.31 -2.16 -6.08
N ASP D 105 21.17 -2.48 -4.79
CA ASP D 105 20.31 -3.57 -4.36
C ASP D 105 18.82 -3.22 -4.41
N GLN D 106 18.43 -2.02 -3.99
CA GLN D 106 17.05 -1.59 -4.09
C GLN D 106 16.98 -0.08 -4.08
N GLY D 107 15.91 0.46 -4.68
CA GLY D 107 15.71 1.90 -4.73
C GLY D 107 16.70 2.61 -5.62
N GLY D 108 16.63 2.36 -6.93
CA GLY D 108 17.55 2.96 -7.86
C GLY D 108 16.94 3.07 -9.24
N TRP D 109 17.67 3.76 -10.12
CA TRP D 109 17.23 3.97 -11.49
C TRP D 109 18.43 3.99 -12.41
N PHE D 110 18.21 3.61 -13.67
CA PHE D 110 19.27 3.54 -14.68
C PHE D 110 19.28 4.86 -15.44
N ASP D 111 20.12 5.80 -15.01
CA ASP D 111 20.11 7.11 -15.63
C ASP D 111 20.85 7.12 -16.97
N PRO D 112 22.16 6.77 -17.03
CA PRO D 112 22.83 6.73 -18.34
C PRO D 112 22.76 5.35 -18.97
N TRP D 113 22.47 5.29 -20.27
CA TRP D 113 22.45 4.04 -21.01
C TRP D 113 23.41 4.12 -22.18
N GLY D 114 23.98 2.97 -22.53
CA GLY D 114 24.87 2.87 -23.67
C GLY D 114 24.11 2.65 -24.97
N GLN D 115 24.88 2.57 -26.06
CA GLN D 115 24.28 2.38 -27.37
C GLN D 115 23.71 0.98 -27.53
N GLY D 116 24.35 -0.02 -26.95
CA GLY D 116 23.91 -1.39 -27.07
C GLY D 116 24.70 -2.16 -28.12
N THR D 117 24.90 -3.45 -27.86
CA THR D 117 25.65 -4.30 -28.78
C THR D 117 24.85 -5.57 -29.07
N LEU D 118 24.94 -6.05 -30.30
CA LEU D 118 24.14 -7.19 -30.74
C LEU D 118 24.93 -8.49 -30.59
N VAL D 119 24.31 -9.48 -29.96
CA VAL D 119 24.89 -10.82 -29.83
C VAL D 119 23.89 -11.80 -30.42
N THR D 120 24.31 -12.52 -31.45
CA THR D 120 23.49 -13.50 -32.14
C THR D 120 24.08 -14.89 -31.95
N VAL D 121 23.22 -15.85 -31.64
CA VAL D 121 23.63 -17.24 -31.44
C VAL D 121 22.84 -18.09 -32.41
N SER D 122 23.53 -18.69 -33.38
CA SER D 122 22.88 -19.53 -34.37
C SER D 122 23.91 -20.48 -34.96
N SER D 123 23.43 -21.62 -35.45
CA SER D 123 24.28 -22.63 -36.06
C SER D 123 24.37 -22.49 -37.58
N ALA D 124 23.57 -21.61 -38.18
CA ALA D 124 23.55 -21.47 -39.62
C ALA D 124 24.85 -20.86 -40.13
N SER D 125 25.22 -21.20 -41.34
CA SER D 125 26.40 -20.66 -42.00
C SER D 125 25.98 -19.57 -42.98
N THR D 126 26.99 -18.84 -43.47
CA THR D 126 26.73 -17.78 -44.44
C THR D 126 26.12 -18.36 -45.70
N LYS D 127 25.02 -17.74 -46.15
CA LYS D 127 24.31 -18.23 -47.31
C LYS D 127 23.67 -17.05 -48.04
N GLY D 128 23.66 -17.11 -49.37
CA GLY D 128 23.07 -16.08 -50.18
C GLY D 128 21.56 -16.25 -50.31
N PRO D 129 20.88 -15.21 -50.76
CA PRO D 129 19.43 -15.26 -50.88
C PRO D 129 18.96 -15.73 -52.25
N SER D 130 17.73 -16.20 -52.29
CA SER D 130 17.05 -16.58 -53.52
C SER D 130 15.83 -15.69 -53.69
N VAL D 131 15.69 -15.11 -54.89
CA VAL D 131 14.63 -14.15 -55.18
C VAL D 131 13.61 -14.78 -56.10
N PHE D 132 12.35 -14.43 -55.92
CA PHE D 132 11.25 -14.98 -56.71
C PHE D 132 10.28 -13.89 -57.13
N PRO D 133 9.71 -14.00 -58.32
CA PRO D 133 8.77 -12.98 -58.80
C PRO D 133 7.34 -13.22 -58.34
N LEU D 134 6.60 -12.12 -58.19
CA LEU D 134 5.20 -12.14 -57.79
C LEU D 134 4.39 -11.42 -58.86
N ALA D 135 3.76 -12.19 -59.74
CA ALA D 135 2.94 -11.60 -60.80
C ALA D 135 1.75 -10.86 -60.19
N PRO D 136 1.44 -9.64 -60.64
CA PRO D 136 0.47 -8.81 -59.92
C PRO D 136 -0.92 -9.42 -59.82
N SER D 137 -1.59 -9.62 -60.95
CA SER D 137 -2.87 -10.33 -60.94
C SER D 137 -3.08 -11.28 -62.10
N SER D 138 -2.45 -11.05 -63.26
CA SER D 138 -2.68 -11.85 -64.47
C SER D 138 -4.17 -12.13 -64.70
N LYS D 139 -4.99 -11.08 -64.51
CA LYS D 139 -6.43 -11.24 -64.54
C LYS D 139 -7.06 -10.10 -65.35
N SER D 140 -6.38 -9.68 -66.41
CA SER D 140 -6.91 -8.70 -67.37
C SER D 140 -7.37 -7.41 -66.67
N THR D 141 -6.39 -6.73 -66.08
CA THR D 141 -6.61 -5.46 -65.37
C THR D 141 -7.69 -5.59 -64.31
N SER D 142 -8.87 -5.02 -64.57
CA SER D 142 -9.97 -4.98 -63.60
C SER D 142 -9.51 -4.35 -62.30
N GLY D 143 -9.15 -3.07 -62.37
CA GLY D 143 -8.48 -2.41 -61.28
C GLY D 143 -7.95 -1.04 -61.63
N GLY D 144 -6.66 -0.82 -61.39
CA GLY D 144 -6.05 0.48 -61.55
C GLY D 144 -4.92 0.68 -60.56
N THR D 145 -4.92 -0.14 -59.50
CA THR D 145 -3.79 -0.23 -58.58
C THR D 145 -3.41 -1.71 -58.48
N ALA D 146 -2.21 -2.05 -58.92
CA ALA D 146 -1.71 -3.42 -58.90
C ALA D 146 -0.46 -3.50 -58.05
N ALA D 147 -0.39 -4.51 -57.18
CA ALA D 147 0.74 -4.68 -56.28
C ALA D 147 1.61 -5.82 -56.79
N LEU D 148 2.93 -5.57 -56.85
CA LEU D 148 3.88 -6.58 -57.27
C LEU D 148 5.15 -6.41 -56.48
N GLY D 149 5.92 -7.50 -56.35
CA GLY D 149 7.15 -7.41 -55.60
C GLY D 149 7.97 -8.68 -55.73
N CYS D 150 9.03 -8.73 -54.94
CA CYS D 150 9.97 -9.84 -54.91
C CYS D 150 9.86 -10.55 -53.56
N LEU D 151 10.50 -11.71 -53.46
CA LEU D 151 10.47 -12.52 -52.24
C LEU D 151 11.89 -13.00 -51.96
N VAL D 152 12.55 -12.36 -51.01
CA VAL D 152 13.89 -12.76 -50.60
C VAL D 152 13.78 -13.86 -49.56
N LYS D 153 14.43 -14.99 -49.81
CA LYS D 153 14.25 -16.18 -48.98
C LYS D 153 15.59 -16.84 -48.69
N ASP D 154 15.71 -17.40 -47.49
CA ASP D 154 16.80 -18.30 -47.11
C ASP D 154 18.17 -17.62 -47.28
N TYR D 155 18.39 -16.58 -46.48
CA TYR D 155 19.67 -15.90 -46.45
C TYR D 155 20.11 -15.74 -44.99
N PHE D 156 21.43 -15.63 -44.82
CA PHE D 156 22.05 -15.47 -43.51
C PHE D 156 23.46 -14.94 -43.68
N PRO D 157 23.86 -13.92 -42.91
CA PRO D 157 23.04 -13.24 -41.91
C PRO D 157 22.32 -12.01 -42.45
N GLU D 158 21.53 -11.37 -41.60
CA GLU D 158 20.90 -10.11 -41.93
C GLU D 158 21.96 -9.03 -42.08
N PRO D 159 21.71 -7.98 -42.89
CA PRO D 159 20.54 -7.68 -43.71
C PRO D 159 20.77 -7.79 -45.20
N VAL D 160 19.70 -7.60 -45.97
CA VAL D 160 19.77 -7.42 -47.41
C VAL D 160 19.07 -6.11 -47.75
N THR D 161 19.61 -5.40 -48.72
CA THR D 161 19.09 -4.10 -49.14
C THR D 161 18.35 -4.29 -50.45
N VAL D 162 17.05 -3.99 -50.45
CA VAL D 162 16.22 -4.11 -51.63
C VAL D 162 15.93 -2.72 -52.19
N SER D 163 16.15 -2.54 -53.48
CA SER D 163 15.87 -1.28 -54.15
C SER D 163 15.21 -1.60 -55.48
N TRP D 164 14.38 -0.68 -55.96
CA TRP D 164 13.60 -0.88 -57.17
C TRP D 164 14.07 0.07 -58.26
N ASN D 165 14.41 -0.50 -59.42
CA ASN D 165 14.82 0.26 -60.60
C ASN D 165 15.99 1.19 -60.28
N SER D 166 16.93 0.68 -59.49
CA SER D 166 18.14 1.42 -59.09
C SER D 166 17.78 2.73 -58.40
N GLY D 167 16.75 2.70 -57.57
CA GLY D 167 16.32 3.86 -56.82
C GLY D 167 15.36 4.77 -57.52
N ALA D 168 15.02 4.50 -58.79
CA ALA D 168 14.09 5.35 -59.51
C ALA D 168 12.69 5.29 -58.92
N LEU D 169 12.26 4.11 -58.49
CA LEU D 169 10.93 3.91 -57.93
C LEU D 169 11.03 3.89 -56.41
N THR D 170 10.41 4.87 -55.76
CA THR D 170 10.46 4.99 -54.31
C THR D 170 9.06 5.13 -53.72
N SER D 171 8.15 5.72 -54.49
CA SER D 171 6.78 5.91 -54.00
C SER D 171 6.02 4.60 -54.01
N GLY D 172 5.39 4.26 -52.90
CA GLY D 172 4.61 3.05 -52.79
C GLY D 172 5.40 1.79 -52.47
N VAL D 173 6.66 1.93 -52.09
CA VAL D 173 7.51 0.77 -51.83
C VAL D 173 7.50 0.46 -50.34
N HIS D 174 7.17 -0.78 -49.99
CA HIS D 174 7.14 -1.25 -48.61
C HIS D 174 8.07 -2.45 -48.50
N THR D 175 9.05 -2.37 -47.60
CA THR D 175 9.98 -3.47 -47.34
C THR D 175 9.74 -3.94 -45.92
N PHE D 176 9.11 -5.11 -45.78
CA PHE D 176 8.75 -5.62 -44.47
C PHE D 176 9.98 -6.14 -43.74
N PRO D 177 9.96 -6.14 -42.41
CA PRO D 177 11.09 -6.69 -41.65
C PRO D 177 11.23 -8.19 -41.89
N ALA D 178 12.47 -8.66 -41.79
CA ALA D 178 12.75 -10.08 -42.00
C ALA D 178 12.25 -10.91 -40.83
N VAL D 179 11.89 -12.16 -41.12
CA VAL D 179 11.44 -13.11 -40.11
C VAL D 179 12.41 -14.27 -40.06
N LEU D 180 12.61 -14.80 -38.85
CA LEU D 180 13.52 -15.92 -38.63
C LEU D 180 12.72 -17.22 -38.77
N GLN D 181 13.02 -17.99 -39.81
CA GLN D 181 12.29 -19.21 -40.08
C GLN D 181 12.75 -20.32 -39.14
N SER D 182 12.07 -21.47 -39.23
CA SER D 182 12.42 -22.62 -38.39
C SER D 182 13.76 -23.24 -38.78
N SER D 183 14.28 -22.91 -39.96
CA SER D 183 15.55 -23.44 -40.43
C SER D 183 16.74 -22.57 -40.05
N GLY D 184 16.52 -21.49 -39.30
CA GLY D 184 17.59 -20.58 -38.96
C GLY D 184 17.92 -19.56 -40.02
N LEU D 185 17.11 -19.47 -41.08
CA LEU D 185 17.36 -18.56 -42.19
C LEU D 185 16.25 -17.51 -42.25
N TYR D 186 16.62 -16.32 -42.70
CA TYR D 186 15.71 -15.18 -42.74
C TYR D 186 14.94 -15.15 -44.06
N SER D 187 13.90 -14.31 -44.09
CA SER D 187 13.09 -14.13 -45.28
C SER D 187 12.22 -12.88 -45.15
N LEU D 188 12.25 -12.02 -46.16
CA LEU D 188 11.42 -10.82 -46.18
C LEU D 188 10.79 -10.65 -47.55
N SER D 189 9.87 -9.70 -47.65
CA SER D 189 9.20 -9.38 -48.90
C SER D 189 9.20 -7.87 -49.09
N SER D 190 9.32 -7.46 -50.35
CA SER D 190 9.24 -6.05 -50.74
C SER D 190 8.16 -5.92 -51.80
N VAL D 191 7.26 -4.94 -51.61
CA VAL D 191 6.12 -4.76 -52.49
C VAL D 191 6.08 -3.32 -52.97
N VAL D 192 5.46 -3.13 -54.13
CA VAL D 192 5.24 -1.80 -54.70
C VAL D 192 3.90 -1.81 -55.42
N THR D 193 3.19 -0.68 -55.32
CA THR D 193 1.91 -0.49 -55.96
C THR D 193 2.08 0.43 -57.17
N VAL D 194 1.55 0.01 -58.31
CA VAL D 194 1.74 0.74 -59.56
C VAL D 194 0.42 0.79 -60.31
N PRO D 195 0.25 1.78 -61.20
CA PRO D 195 -0.94 1.80 -62.07
C PRO D 195 -0.98 0.57 -62.96
N SER D 196 -2.20 0.07 -63.18
CA SER D 196 -2.36 -1.16 -63.96
C SER D 196 -2.04 -0.92 -65.44
N SER D 197 -2.40 0.25 -65.96
CA SER D 197 -2.20 0.53 -67.38
C SER D 197 -0.73 0.58 -67.76
N SER D 198 0.17 0.69 -66.78
CA SER D 198 1.61 0.67 -67.03
C SER D 198 2.21 -0.71 -66.91
N LEU D 199 1.39 -1.75 -66.68
CA LEU D 199 1.93 -3.09 -66.50
C LEU D 199 2.60 -3.59 -67.78
N GLY D 200 1.99 -3.35 -68.93
CA GLY D 200 2.53 -3.84 -70.19
C GLY D 200 3.69 -3.02 -70.73
N THR D 201 3.77 -1.75 -70.32
CA THR D 201 4.79 -0.85 -70.88
C THR D 201 6.03 -0.79 -70.01
N GLN D 202 5.89 -0.36 -68.76
CA GLN D 202 7.03 -0.14 -67.89
C GLN D 202 7.56 -1.46 -67.36
N THR D 203 8.89 -1.60 -67.35
CA THR D 203 9.55 -2.80 -66.86
C THR D 203 10.00 -2.57 -65.43
N TYR D 204 9.71 -3.55 -64.56
CA TYR D 204 10.01 -3.45 -63.14
C TYR D 204 11.06 -4.48 -62.76
N ILE D 205 12.12 -4.01 -62.09
CA ILE D 205 13.23 -4.85 -61.68
C ILE D 205 13.52 -4.58 -60.21
N CYS D 206 13.65 -5.64 -59.42
CA CYS D 206 14.02 -5.52 -58.02
C CYS D 206 15.49 -5.91 -57.87
N ASN D 207 16.25 -5.07 -57.17
CA ASN D 207 17.68 -5.27 -56.98
C ASN D 207 17.93 -5.64 -55.53
N VAL D 208 18.40 -6.86 -55.30
CA VAL D 208 18.69 -7.37 -53.96
C VAL D 208 20.19 -7.49 -53.82
N ASN D 209 20.74 -6.89 -52.78
CA ASN D 209 22.18 -6.92 -52.52
C ASN D 209 22.42 -7.51 -51.14
N HIS D 210 23.12 -8.64 -51.10
CA HIS D 210 23.51 -9.29 -49.85
C HIS D 210 25.01 -9.05 -49.69
N LYS D 211 25.36 -8.29 -48.66
CA LYS D 211 26.74 -7.82 -48.50
C LYS D 211 27.69 -8.91 -48.02
N PRO D 212 27.48 -9.56 -46.86
CA PRO D 212 28.50 -10.50 -46.39
C PRO D 212 28.35 -11.87 -47.01
N SER D 213 28.01 -11.88 -48.29
CA SER D 213 28.20 -13.05 -49.14
C SER D 213 28.59 -12.66 -50.56
N ASN D 214 28.77 -11.36 -50.84
CA ASN D 214 29.03 -10.85 -52.18
C ASN D 214 27.99 -11.35 -53.18
N THR D 215 26.73 -10.96 -52.94
CA THR D 215 25.64 -11.38 -53.79
C THR D 215 24.85 -10.17 -54.27
N LYS D 216 24.48 -10.21 -55.56
CA LYS D 216 23.71 -9.13 -56.16
C LYS D 216 22.82 -9.73 -57.23
N VAL D 217 21.51 -9.73 -56.98
CA VAL D 217 20.53 -10.29 -57.90
C VAL D 217 19.67 -9.16 -58.44
N ASP D 218 19.37 -9.21 -59.74
CA ASP D 218 18.61 -8.17 -60.41
C ASP D 218 17.38 -8.75 -61.10
N LYS D 219 16.62 -9.56 -60.38
CA LYS D 219 15.46 -10.23 -60.96
C LYS D 219 14.40 -9.20 -61.36
N ARG D 220 13.62 -9.56 -62.38
CA ARG D 220 12.55 -8.74 -62.88
C ARG D 220 11.22 -9.46 -62.70
N VAL D 221 10.15 -8.68 -62.51
CA VAL D 221 8.81 -9.20 -62.32
C VAL D 221 7.97 -8.79 -63.51
N GLU D 222 7.36 -9.77 -64.18
CA GLU D 222 6.55 -9.52 -65.35
C GLU D 222 5.30 -10.39 -65.27
N PRO D 223 4.20 -9.99 -65.91
CA PRO D 223 2.98 -10.81 -65.92
C PRO D 223 3.18 -12.15 -66.63
N ASP E 1 9.00 -13.84 -7.60
CA ASP E 1 9.19 -12.68 -8.48
C ASP E 1 7.97 -11.77 -8.47
N ILE E 2 8.20 -10.49 -8.70
CA ILE E 2 7.12 -9.50 -8.73
C ILE E 2 6.70 -9.28 -10.17
N GLN E 3 5.42 -9.47 -10.44
CA GLN E 3 4.86 -9.32 -11.79
C GLN E 3 4.23 -7.95 -11.93
N MET E 4 4.59 -7.26 -13.02
CA MET E 4 4.12 -5.90 -13.27
C MET E 4 3.22 -5.89 -14.50
N THR E 5 2.10 -5.20 -14.39
CA THR E 5 1.10 -5.16 -15.46
C THR E 5 0.82 -3.71 -15.84
N GLN E 6 0.80 -3.43 -17.13
CA GLN E 6 0.52 -2.09 -17.65
C GLN E 6 -0.84 -2.07 -18.32
N SER E 7 -1.52 -0.93 -18.21
CA SER E 7 -2.82 -0.75 -18.84
C SER E 7 -2.89 0.63 -19.49
N PRO E 8 -3.20 0.71 -20.79
CA PRO E 8 -3.42 -0.45 -21.66
C PRO E 8 -2.13 -0.91 -22.33
N SER E 9 -2.26 -1.75 -23.36
CA SER E 9 -1.12 -2.21 -24.14
C SER E 9 -0.81 -1.33 -25.33
N SER E 10 -1.81 -0.65 -25.90
CA SER E 10 -1.60 0.27 -27.00
C SER E 10 -2.66 1.36 -26.92
N LEU E 11 -2.24 2.60 -27.07
CA LEU E 11 -3.14 3.75 -26.98
C LEU E 11 -2.85 4.70 -28.13
N SER E 12 -3.90 5.13 -28.83
CA SER E 12 -3.79 6.04 -29.96
C SER E 12 -4.26 7.42 -29.50
N ALA E 13 -3.36 8.39 -29.55
CA ALA E 13 -3.65 9.75 -29.11
C ALA E 13 -3.13 10.75 -30.14
N SER E 14 -3.76 11.92 -30.16
CA SER E 14 -3.41 13.00 -31.08
C SER E 14 -2.63 14.09 -30.36
N VAL E 15 -2.07 15.00 -31.15
CA VAL E 15 -1.22 16.04 -30.59
C VAL E 15 -2.06 16.99 -29.75
N GLY E 16 -1.56 17.30 -28.55
CA GLY E 16 -2.27 18.19 -27.65
C GLY E 16 -3.26 17.52 -26.73
N ASP E 17 -3.18 16.19 -26.57
CA ASP E 17 -4.08 15.45 -25.71
C ASP E 17 -3.41 15.13 -24.39
N ARG E 18 -4.19 14.55 -23.48
CA ARG E 18 -3.72 14.13 -22.17
C ARG E 18 -3.72 12.61 -22.12
N VAL E 19 -2.58 12.03 -21.74
CA VAL E 19 -2.37 10.59 -21.80
C VAL E 19 -2.08 10.09 -20.40
N THR E 20 -2.79 9.05 -19.97
CA THR E 20 -2.57 8.41 -18.69
C THR E 20 -2.29 6.93 -18.91
N ILE E 21 -1.27 6.42 -18.21
CA ILE E 21 -0.90 5.01 -18.26
C ILE E 21 -0.77 4.49 -16.83
N THR E 22 -1.27 3.28 -16.60
CA THR E 22 -1.34 2.71 -15.26
C THR E 22 -0.45 1.48 -15.17
N CYS E 23 0.39 1.43 -14.13
CA CYS E 23 1.19 0.27 -13.79
C CYS E 23 0.72 -0.29 -12.45
N ARG E 24 0.71 -1.63 -12.36
CA ARG E 24 0.22 -2.31 -11.17
C ARG E 24 1.18 -3.44 -10.81
N ALA E 25 1.52 -3.54 -9.53
CA ALA E 25 2.43 -4.57 -9.04
C ALA E 25 1.66 -5.65 -8.29
N SER E 26 2.26 -6.83 -8.22
CA SER E 26 1.68 -7.96 -7.51
C SER E 26 2.03 -7.97 -6.02
N GLN E 27 2.80 -6.99 -5.57
CA GLN E 27 3.18 -6.91 -4.17
C GLN E 27 3.61 -5.47 -3.89
N SER E 28 3.32 -4.98 -2.68
CA SER E 28 3.62 -3.61 -2.32
C SER E 28 5.12 -3.32 -2.48
N ILE E 29 5.43 -2.22 -3.15
CA ILE E 29 6.81 -1.88 -3.46
C ILE E 29 7.13 -0.47 -2.98
N SER E 30 6.21 0.12 -2.23
CA SER E 30 6.37 1.46 -1.63
C SER E 30 6.52 2.47 -2.77
N SER E 31 7.56 3.28 -2.79
CA SER E 31 7.79 4.30 -3.82
C SER E 31 9.04 3.97 -4.64
N TYR E 32 9.19 2.71 -5.00
CA TYR E 32 10.38 2.21 -5.69
C TYR E 32 10.11 1.91 -7.16
N LEU E 33 9.32 2.76 -7.82
CA LEU E 33 8.95 2.56 -9.20
C LEU E 33 9.56 3.64 -10.08
N ASN E 34 9.98 3.24 -11.29
CA ASN E 34 10.58 4.14 -12.26
C ASN E 34 9.86 4.00 -13.60
N TRP E 35 9.85 5.09 -14.37
CA TRP E 35 9.20 5.14 -15.67
C TRP E 35 10.24 5.48 -16.72
N TYR E 36 10.35 4.62 -17.74
CA TYR E 36 11.33 4.75 -18.82
C TYR E 36 10.61 4.91 -20.16
N GLN E 37 11.27 5.60 -21.09
CA GLN E 37 10.77 5.81 -22.44
C GLN E 37 11.80 5.33 -23.44
N GLN E 38 11.34 4.58 -24.45
CA GLN E 38 12.21 4.05 -25.50
C GLN E 38 11.58 4.31 -26.86
N LYS E 39 12.41 4.77 -27.81
CA LYS E 39 12.04 4.98 -29.19
C LYS E 39 12.72 3.94 -30.09
N PRO E 40 12.13 3.60 -31.23
CA PRO E 40 12.66 2.51 -32.04
C PRO E 40 14.11 2.74 -32.47
N GLY E 41 14.94 1.72 -32.27
CA GLY E 41 16.32 1.76 -32.70
C GLY E 41 17.27 2.51 -31.79
N LYS E 42 16.80 3.03 -30.65
CA LYS E 42 17.63 3.82 -29.76
C LYS E 42 17.55 3.25 -28.34
N ALA E 43 18.47 3.71 -27.50
CA ALA E 43 18.51 3.27 -26.12
C ALA E 43 17.35 3.88 -25.32
N PRO E 44 16.88 3.18 -24.29
CA PRO E 44 15.79 3.73 -23.48
C PRO E 44 16.24 4.94 -22.68
N LYS E 45 15.28 5.80 -22.37
CA LYS E 45 15.51 7.03 -21.63
C LYS E 45 14.83 6.95 -20.26
N LEU E 46 15.32 7.75 -19.32
CA LEU E 46 14.77 7.82 -17.98
C LEU E 46 13.82 9.03 -17.91
N LEU E 47 12.57 8.76 -17.56
CA LEU E 47 11.56 9.82 -17.42
C LEU E 47 11.26 10.13 -15.96
N ILE E 48 10.85 9.14 -15.19
CA ILE E 48 10.42 9.36 -13.81
C ILE E 48 11.17 8.40 -12.90
N TYR E 49 11.60 8.90 -11.74
CA TYR E 49 12.24 8.06 -10.73
C TYR E 49 11.60 8.31 -9.37
N ALA E 50 11.55 7.26 -8.56
CA ALA E 50 11.00 7.30 -7.20
C ALA E 50 9.56 7.82 -7.22
N ALA E 51 8.69 7.07 -7.89
CA ALA E 51 7.26 7.34 -7.96
C ALA E 51 6.97 8.69 -8.63
N SER E 52 7.37 9.79 -7.99
CA SER E 52 7.08 11.13 -8.50
C SER E 52 8.32 12.01 -8.32
N SER E 53 9.18 12.03 -9.34
CA SER E 53 10.32 12.93 -9.36
C SER E 53 10.81 13.05 -10.79
N LEU E 54 10.73 14.25 -11.36
CA LEU E 54 11.15 14.45 -12.73
C LEU E 54 12.68 14.37 -12.86
N GLN E 55 13.13 14.03 -14.05
CA GLN E 55 14.54 13.94 -14.38
C GLN E 55 14.98 15.22 -15.08
N SER E 56 16.22 15.64 -14.81
CA SER E 56 16.75 16.85 -15.43
C SER E 56 16.74 16.72 -16.95
N GLY E 57 16.25 17.76 -17.62
CA GLY E 57 16.12 17.75 -19.06
C GLY E 57 14.79 17.25 -19.56
N VAL E 58 13.95 16.68 -18.70
CA VAL E 58 12.64 16.19 -19.10
C VAL E 58 11.63 17.33 -19.01
N PRO E 59 10.84 17.58 -20.04
CA PRO E 59 9.87 18.68 -19.99
C PRO E 59 8.83 18.47 -18.89
N SER E 60 8.31 19.59 -18.39
CA SER E 60 7.41 19.60 -17.25
C SER E 60 6.02 19.06 -17.57
N ARG E 61 5.78 18.58 -18.78
CA ARG E 61 4.48 17.99 -19.09
C ARG E 61 4.35 16.56 -18.58
N PHE E 62 5.46 15.92 -18.22
CA PHE E 62 5.44 14.58 -17.68
C PHE E 62 5.24 14.62 -16.17
N SER E 63 4.45 13.68 -15.65
CA SER E 63 4.24 13.60 -14.21
C SER E 63 3.95 12.15 -13.84
N GLY E 64 4.20 11.84 -12.58
CA GLY E 64 3.91 10.52 -12.05
C GLY E 64 3.33 10.62 -10.65
N SER E 65 2.53 9.62 -10.29
CA SER E 65 1.89 9.63 -8.99
C SER E 65 1.49 8.22 -8.59
N GLY E 66 1.78 7.84 -7.35
CA GLY E 66 1.36 6.56 -6.85
C GLY E 66 2.18 6.14 -5.66
N SER E 67 1.67 5.12 -4.97
CA SER E 67 2.35 4.54 -3.82
C SER E 67 1.73 3.19 -3.46
N GLY E 68 2.55 2.17 -3.29
CA GLY E 68 2.06 0.84 -2.97
C GLY E 68 2.02 -0.08 -4.16
N THR E 69 0.81 -0.42 -4.63
CA THR E 69 0.63 -1.32 -5.76
C THR E 69 -0.13 -0.67 -6.91
N ASP E 70 -0.13 0.66 -6.99
CA ASP E 70 -0.85 1.37 -8.04
C ASP E 70 -0.11 2.65 -8.37
N PHE E 71 0.26 2.82 -9.63
CA PHE E 71 0.99 4.00 -10.09
C PHE E 71 0.41 4.48 -11.40
N THR E 72 0.64 5.77 -11.69
CA THR E 72 0.11 6.40 -12.89
C THR E 72 1.13 7.37 -13.46
N LEU E 73 1.25 7.37 -14.78
CA LEU E 73 2.09 8.29 -15.53
C LEU E 73 1.19 9.14 -16.42
N THR E 74 1.40 10.45 -16.40
CA THR E 74 0.51 11.40 -17.06
C THR E 74 1.30 12.37 -17.92
N ILE E 75 0.83 12.56 -19.15
CA ILE E 75 1.33 13.60 -20.05
C ILE E 75 0.19 14.58 -20.27
N SER E 76 0.42 15.85 -19.93
CA SER E 76 -0.62 16.85 -20.02
C SER E 76 -0.86 17.29 -21.46
N SER E 77 0.16 17.81 -22.11
CA SER E 77 0.08 18.25 -23.50
C SER E 77 0.96 17.33 -24.36
N LEU E 78 0.36 16.71 -25.37
CA LEU E 78 1.09 15.81 -26.23
C LEU E 78 1.85 16.59 -27.30
N GLN E 79 3.02 16.08 -27.66
CA GLN E 79 3.90 16.69 -28.65
C GLN E 79 4.37 15.63 -29.63
N PRO E 80 4.77 16.03 -30.83
CA PRO E 80 5.20 15.04 -31.84
C PRO E 80 6.43 14.23 -31.45
N GLU E 81 7.11 14.56 -30.35
CA GLU E 81 8.26 13.81 -29.89
C GLU E 81 7.93 12.92 -28.70
N ASP E 82 6.64 12.66 -28.46
CA ASP E 82 6.21 11.84 -27.34
C ASP E 82 5.62 10.50 -27.74
N PHE E 83 5.52 10.20 -29.03
CA PHE E 83 5.03 8.91 -29.49
C PHE E 83 6.16 7.89 -29.40
N ALA E 84 6.11 7.04 -28.38
CA ALA E 84 7.18 6.08 -28.12
C ALA E 84 6.60 4.93 -27.28
N THR E 85 7.48 4.12 -26.72
CA THR E 85 7.12 3.00 -25.86
C THR E 85 7.48 3.33 -24.43
N TYR E 86 6.59 3.04 -23.49
CA TYR E 86 6.76 3.41 -22.09
C TYR E 86 6.79 2.14 -21.23
N TYR E 87 7.74 2.08 -20.30
CA TYR E 87 7.93 0.94 -19.43
C TYR E 87 7.91 1.39 -17.98
N CYS E 88 7.34 0.55 -17.11
CA CYS E 88 7.42 0.75 -15.66
C CYS E 88 8.26 -0.35 -15.04
N GLN E 89 9.16 0.04 -14.15
CA GLN E 89 10.11 -0.88 -13.53
C GLN E 89 10.04 -0.73 -12.02
N GLN E 90 10.23 -1.85 -11.33
CA GLN E 90 10.26 -1.88 -9.88
C GLN E 90 11.70 -2.03 -9.39
N SER E 91 12.06 -1.23 -8.40
CA SER E 91 13.40 -1.26 -7.80
C SER E 91 13.32 -1.71 -6.35
N TYR E 92 12.44 -2.67 -6.08
CA TYR E 92 12.21 -3.15 -4.72
C TYR E 92 13.16 -4.29 -4.34
N SER E 93 13.30 -5.28 -5.21
CA SER E 93 14.17 -6.41 -4.93
C SER E 93 14.59 -7.06 -6.24
N THR E 94 15.70 -7.80 -6.18
CA THR E 94 16.24 -8.57 -7.29
C THR E 94 15.52 -9.91 -7.39
N PRO E 95 15.17 -10.36 -8.62
CA PRO E 95 15.41 -9.70 -9.90
C PRO E 95 14.46 -8.53 -10.19
N PHE E 96 14.95 -7.54 -10.93
CA PHE E 96 14.15 -6.39 -11.30
C PHE E 96 13.33 -6.73 -12.55
N THR E 97 12.05 -6.40 -12.51
CA THR E 97 11.12 -6.74 -13.58
C THR E 97 10.52 -5.48 -14.19
N PHE E 98 10.41 -5.48 -15.51
CA PHE E 98 9.74 -4.42 -16.25
C PHE E 98 8.31 -4.82 -16.57
N GLY E 99 7.57 -3.88 -17.16
CA GLY E 99 6.25 -4.16 -17.66
C GLY E 99 6.30 -4.54 -19.13
N PRO E 100 5.20 -5.10 -19.64
CA PRO E 100 5.16 -5.45 -21.06
C PRO E 100 5.37 -4.26 -21.99
N GLY E 101 4.89 -3.09 -21.62
CA GLY E 101 5.11 -1.89 -22.42
C GLY E 101 3.84 -1.41 -23.07
N THR E 102 3.66 -0.08 -23.07
CA THR E 102 2.53 0.56 -23.72
C THR E 102 3.04 1.43 -24.86
N LYS E 103 2.45 1.26 -26.04
CA LYS E 103 2.87 1.98 -27.24
C LYS E 103 1.85 3.05 -27.58
N VAL E 104 2.34 4.26 -27.85
CA VAL E 104 1.50 5.39 -28.24
C VAL E 104 1.77 5.69 -29.71
N ASP E 105 0.70 5.79 -30.49
CA ASP E 105 0.79 6.04 -31.92
C ASP E 105 -0.09 7.22 -32.30
N ILE E 106 0.25 7.85 -33.43
CA ILE E 106 -0.50 9.01 -33.90
C ILE E 106 -1.89 8.57 -34.35
N LYS E 107 -2.90 9.36 -34.00
CA LYS E 107 -4.28 9.04 -34.27
C LYS E 107 -4.72 9.57 -35.63
N ARG E 108 -5.63 8.83 -36.27
CA ARG E 108 -6.19 9.21 -37.56
C ARG E 108 -7.46 8.41 -37.78
N THR E 109 -8.09 8.64 -38.93
CA THR E 109 -9.31 7.92 -39.26
C THR E 109 -9.01 6.47 -39.63
N VAL E 110 -10.05 5.66 -39.68
CA VAL E 110 -9.90 4.24 -39.99
C VAL E 110 -9.81 4.06 -41.50
N ALA E 111 -9.02 3.07 -41.92
CA ALA E 111 -8.82 2.77 -43.33
C ALA E 111 -9.04 1.29 -43.58
N ALA E 112 -9.74 0.98 -44.66
CA ALA E 112 -9.99 -0.40 -45.05
C ALA E 112 -8.82 -0.94 -45.86
N PRO E 113 -8.22 -2.05 -45.46
CA PRO E 113 -7.03 -2.55 -46.16
C PRO E 113 -7.38 -3.14 -47.51
N SER E 114 -6.43 -3.02 -48.44
CA SER E 114 -6.52 -3.68 -49.73
C SER E 114 -5.78 -5.01 -49.65
N VAL E 115 -6.42 -6.08 -50.14
CA VAL E 115 -5.93 -7.44 -50.00
C VAL E 115 -5.49 -7.96 -51.35
N PHE E 116 -4.28 -8.49 -51.41
CA PHE E 116 -3.74 -9.11 -52.62
C PHE E 116 -3.19 -10.49 -52.26
N ILE E 117 -3.24 -11.40 -53.23
CA ILE E 117 -2.73 -12.76 -53.05
C ILE E 117 -1.75 -13.09 -54.17
N PHE E 118 -0.71 -13.82 -53.82
CA PHE E 118 0.34 -14.20 -54.76
C PHE E 118 0.55 -15.71 -54.68
N PRO E 119 0.28 -16.45 -55.76
CA PRO E 119 0.57 -17.88 -55.79
C PRO E 119 2.07 -18.12 -55.92
N PRO E 120 2.55 -19.33 -55.66
CA PRO E 120 3.99 -19.58 -55.76
C PRO E 120 4.46 -19.69 -57.20
N SER E 121 5.62 -19.08 -57.47
CA SER E 121 6.14 -18.98 -58.82
C SER E 121 6.61 -20.35 -59.32
N ASP E 122 6.65 -20.48 -60.65
CA ASP E 122 7.12 -21.70 -61.29
C ASP E 122 8.57 -21.99 -60.98
N GLU E 123 9.35 -20.99 -60.58
CA GLU E 123 10.73 -21.20 -60.17
C GLU E 123 10.83 -21.77 -58.77
N GLN E 124 9.76 -21.72 -57.98
CA GLN E 124 9.75 -22.30 -56.64
C GLN E 124 9.08 -23.67 -56.60
N LEU E 125 8.11 -23.92 -57.48
CA LEU E 125 7.52 -25.25 -57.58
C LEU E 125 8.53 -26.30 -58.05
N LYS E 126 9.61 -25.87 -58.72
CA LYS E 126 10.69 -26.74 -59.12
C LYS E 126 11.83 -26.74 -58.09
N SER E 127 11.52 -26.47 -56.83
CA SER E 127 12.51 -26.50 -55.77
C SER E 127 12.05 -27.24 -54.53
N GLY E 128 10.86 -27.83 -54.53
CA GLY E 128 10.38 -28.61 -53.41
C GLY E 128 9.56 -27.86 -52.39
N THR E 129 9.52 -26.54 -52.45
CA THR E 129 8.78 -25.74 -51.49
C THR E 129 7.91 -24.72 -52.22
N ALA E 130 6.67 -24.57 -51.77
CA ALA E 130 5.74 -23.60 -52.33
C ALA E 130 5.33 -22.60 -51.26
N SER E 131 5.31 -21.33 -51.63
CA SER E 131 4.98 -20.23 -50.74
C SER E 131 3.86 -19.41 -51.34
N VAL E 132 2.81 -19.16 -50.56
CA VAL E 132 1.69 -18.34 -50.97
C VAL E 132 1.65 -17.10 -50.09
N VAL E 133 1.51 -15.93 -50.70
CA VAL E 133 1.67 -14.65 -50.01
C VAL E 133 0.34 -13.91 -49.97
N CYS E 134 0.02 -13.33 -48.81
CA CYS E 134 -1.15 -12.50 -48.61
C CYS E 134 -0.69 -11.11 -48.16
N LEU E 135 -1.16 -10.07 -48.82
CA LEU E 135 -0.72 -8.70 -48.57
C LEU E 135 -1.91 -7.83 -48.20
N LEU E 136 -1.79 -7.14 -47.07
CA LEU E 136 -2.75 -6.14 -46.61
C LEU E 136 -2.09 -4.78 -46.71
N ASN E 137 -2.80 -3.81 -47.30
CA ASN E 137 -2.23 -2.49 -47.52
C ASN E 137 -3.13 -1.41 -46.95
N ASN E 138 -2.51 -0.40 -46.33
CA ASN E 138 -3.14 0.88 -46.00
C ASN E 138 -4.35 0.68 -45.08
N PHE E 139 -4.05 0.22 -43.86
CA PHE E 139 -5.07 0.01 -42.84
C PHE E 139 -4.66 0.68 -41.54
N TYR E 140 -5.67 1.04 -40.75
CA TYR E 140 -5.51 1.62 -39.42
C TYR E 140 -6.78 1.27 -38.65
N PRO E 141 -6.68 0.79 -37.41
CA PRO E 141 -5.44 0.58 -36.65
C PRO E 141 -4.75 -0.75 -36.94
N ARG E 142 -3.77 -1.09 -36.08
CA ARG E 142 -2.92 -2.24 -36.36
C ARG E 142 -3.66 -3.56 -36.24
N GLU E 143 -4.65 -3.63 -35.35
CA GLU E 143 -5.34 -4.88 -35.06
C GLU E 143 -6.06 -5.43 -36.29
N ALA E 144 -5.59 -6.56 -36.81
CA ALA E 144 -6.24 -7.23 -37.94
C ALA E 144 -6.04 -8.73 -37.78
N LYS E 145 -6.94 -9.50 -38.36
CA LYS E 145 -6.90 -10.96 -38.28
C LYS E 145 -6.80 -11.55 -39.68
N VAL E 146 -5.87 -12.49 -39.84
CA VAL E 146 -5.62 -13.15 -41.13
C VAL E 146 -5.74 -14.66 -40.92
N GLN E 147 -6.52 -15.32 -41.79
CA GLN E 147 -6.77 -16.75 -41.70
C GLN E 147 -6.46 -17.40 -43.02
N TRP E 148 -5.80 -18.56 -42.98
CA TRP E 148 -5.44 -19.32 -44.16
C TRP E 148 -6.36 -20.52 -44.29
N LYS E 149 -6.90 -20.75 -45.48
CA LYS E 149 -7.81 -21.85 -45.73
C LYS E 149 -7.42 -22.59 -46.99
N VAL E 150 -7.39 -23.92 -46.92
CA VAL E 150 -7.23 -24.78 -48.08
C VAL E 150 -8.38 -25.77 -48.09
N ASP E 151 -9.33 -25.56 -49.00
CA ASP E 151 -10.57 -26.34 -49.04
C ASP E 151 -11.33 -26.22 -47.71
N ASN E 152 -11.45 -24.99 -47.22
CA ASN E 152 -12.18 -24.67 -46.00
C ASN E 152 -11.58 -25.39 -44.79
N ALA E 153 -10.26 -25.56 -44.77
CA ALA E 153 -9.57 -26.19 -43.65
C ALA E 153 -8.72 -25.13 -42.96
N LEU E 154 -9.08 -24.78 -41.72
CA LEU E 154 -8.32 -23.81 -40.95
C LEU E 154 -7.01 -24.43 -40.50
N GLN E 155 -5.92 -23.68 -40.66
CA GLN E 155 -4.59 -24.15 -40.32
C GLN E 155 -3.85 -23.12 -39.48
N SER E 156 -2.88 -23.61 -38.72
CA SER E 156 -2.07 -22.75 -37.86
C SER E 156 -0.72 -23.43 -37.64
N GLY E 157 0.33 -22.61 -37.56
CA GLY E 157 1.67 -23.12 -37.32
C GLY E 157 2.60 -22.95 -38.50
N ASN E 158 2.10 -23.17 -39.71
CA ASN E 158 2.91 -23.03 -40.92
C ASN E 158 2.71 -21.68 -41.59
N SER E 159 2.83 -20.60 -40.83
CA SER E 159 2.63 -19.27 -41.38
C SER E 159 3.25 -18.23 -40.45
N GLN E 160 3.96 -17.26 -41.03
CA GLN E 160 4.48 -16.12 -40.30
C GLN E 160 4.09 -14.84 -41.03
N GLU E 161 3.89 -13.77 -40.27
CA GLU E 161 3.48 -12.49 -40.81
C GLU E 161 4.30 -11.37 -40.20
N SER E 162 4.44 -10.28 -40.97
CA SER E 162 5.21 -9.12 -40.57
C SER E 162 4.46 -7.85 -40.91
N VAL E 163 4.69 -6.80 -40.11
CA VAL E 163 4.06 -5.51 -40.29
C VAL E 163 5.13 -4.43 -40.24
N THR E 164 4.88 -3.33 -40.93
CA THR E 164 5.81 -2.22 -40.98
C THR E 164 5.48 -1.19 -39.90
N GLU E 165 6.43 -0.30 -39.66
CA GLU E 165 6.21 0.80 -38.73
C GLU E 165 5.23 1.80 -39.35
N GLN E 166 4.65 2.62 -38.47
CA GLN E 166 3.66 3.59 -38.92
C GLN E 166 4.28 4.60 -39.88
N ASP E 167 3.56 4.87 -40.97
CA ASP E 167 4.06 5.79 -41.98
C ASP E 167 4.05 7.22 -41.47
N SER E 168 4.85 8.06 -42.11
CA SER E 168 4.93 9.47 -41.76
C SER E 168 3.97 10.34 -42.56
N LYS E 169 3.81 10.03 -43.85
CA LYS E 169 2.95 10.85 -44.69
C LYS E 169 1.47 10.64 -44.38
N ASP E 170 1.05 9.38 -44.21
CA ASP E 170 -0.35 9.07 -44.00
C ASP E 170 -0.63 8.23 -42.76
N SER E 171 0.39 7.68 -42.09
CA SER E 171 0.23 6.94 -40.85
C SER E 171 -0.67 5.70 -41.05
N THR E 172 -0.28 4.87 -42.01
CA THR E 172 -0.99 3.65 -42.32
C THR E 172 -0.02 2.47 -42.27
N TYR E 173 -0.58 1.28 -42.08
CA TYR E 173 0.21 0.06 -41.92
C TYR E 173 0.08 -0.85 -43.14
N SER E 174 1.07 -1.72 -43.29
CA SER E 174 1.06 -2.76 -44.30
C SER E 174 1.49 -4.08 -43.66
N LEU E 175 0.83 -5.16 -44.05
CA LEU E 175 1.04 -6.47 -43.46
C LEU E 175 1.28 -7.51 -44.55
N SER E 176 2.16 -8.46 -44.28
CA SER E 176 2.43 -9.56 -45.21
C SER E 176 2.47 -10.86 -44.45
N SER E 177 1.70 -11.85 -44.92
CA SER E 177 1.65 -13.18 -44.32
C SER E 177 2.03 -14.21 -45.37
N THR E 178 2.92 -15.13 -44.99
CA THR E 178 3.41 -16.14 -45.91
C THR E 178 3.06 -17.53 -45.41
N LEU E 179 2.52 -18.37 -46.30
CA LEU E 179 2.21 -19.76 -46.01
C LEU E 179 3.16 -20.63 -46.81
N THR E 180 3.96 -21.43 -46.12
CA THR E 180 5.02 -22.24 -46.73
C THR E 180 4.72 -23.71 -46.51
N LEU E 181 4.71 -24.48 -47.59
CA LEU E 181 4.52 -25.93 -47.50
C LEU E 181 5.41 -26.61 -48.51
N SER E 182 5.42 -27.94 -48.48
CA SER E 182 6.27 -28.73 -49.36
C SER E 182 5.61 -28.90 -50.72
N LYS E 183 6.42 -29.33 -51.69
CA LYS E 183 5.92 -29.56 -53.04
C LYS E 183 4.86 -30.66 -53.06
N ALA E 184 5.10 -31.75 -52.32
CA ALA E 184 4.16 -32.87 -52.33
C ALA E 184 2.84 -32.51 -51.68
N ASP E 185 2.87 -31.67 -50.64
CA ASP E 185 1.66 -31.27 -49.94
C ASP E 185 0.90 -30.17 -50.66
N TYR E 186 1.51 -29.52 -51.65
CA TYR E 186 0.86 -28.41 -52.35
C TYR E 186 -0.12 -28.87 -53.41
N GLU E 187 0.13 -30.03 -54.03
CA GLU E 187 -0.72 -30.53 -55.10
C GLU E 187 -1.74 -31.55 -54.62
N LYS E 188 -1.93 -31.67 -53.31
CA LYS E 188 -2.99 -32.49 -52.75
C LYS E 188 -4.32 -31.75 -52.67
N HIS E 189 -4.33 -30.46 -53.00
CA HIS E 189 -5.52 -29.62 -52.90
C HIS E 189 -5.68 -28.80 -54.16
N LYS E 190 -6.83 -28.11 -54.27
CA LYS E 190 -7.16 -27.32 -55.44
C LYS E 190 -7.25 -25.83 -55.14
N VAL E 191 -8.06 -25.42 -54.17
CA VAL E 191 -8.30 -24.01 -53.90
C VAL E 191 -7.51 -23.57 -52.67
N TYR E 192 -7.10 -22.32 -52.67
CA TYR E 192 -6.47 -21.68 -51.51
C TYR E 192 -7.12 -20.32 -51.29
N ALA E 193 -7.17 -19.90 -50.03
CA ALA E 193 -7.85 -18.66 -49.69
C ALA E 193 -7.20 -18.01 -48.49
N CYS E 194 -7.16 -16.68 -48.51
CA CYS E 194 -6.71 -15.85 -47.40
C CYS E 194 -7.87 -14.94 -47.03
N GLU E 195 -8.38 -15.10 -45.81
CA GLU E 195 -9.54 -14.35 -45.34
C GLU E 195 -9.10 -13.39 -44.24
N VAL E 196 -9.41 -12.12 -44.42
CA VAL E 196 -8.96 -11.08 -43.49
C VAL E 196 -10.16 -10.39 -42.87
N THR E 197 -9.98 -9.98 -41.61
CA THR E 197 -10.98 -9.28 -40.82
C THR E 197 -10.33 -8.06 -40.19
N HIS E 198 -10.94 -6.90 -40.38
CA HIS E 198 -10.44 -5.64 -39.83
C HIS E 198 -11.64 -4.76 -39.53
N GLN E 199 -11.47 -3.86 -38.55
CA GLN E 199 -12.57 -3.01 -38.14
C GLN E 199 -12.67 -1.80 -39.06
N GLY E 200 -12.69 -2.06 -40.37
CA GLY E 200 -12.84 -1.02 -41.36
C GLY E 200 -13.70 -1.46 -42.51
N LEU E 201 -14.10 -2.73 -42.50
CA LEU E 201 -14.94 -3.31 -43.54
C LEU E 201 -16.24 -3.82 -42.93
N SER E 202 -17.19 -4.14 -43.81
CA SER E 202 -18.48 -4.65 -43.34
C SER E 202 -18.34 -6.06 -42.78
N SER E 203 -17.90 -7.00 -43.60
CA SER E 203 -17.74 -8.39 -43.23
C SER E 203 -16.36 -8.88 -43.66
N PRO E 204 -15.87 -9.95 -43.03
CA PRO E 204 -14.62 -10.58 -43.47
C PRO E 204 -14.55 -10.69 -44.99
N VAL E 205 -13.38 -10.36 -45.54
CA VAL E 205 -13.17 -10.37 -46.98
C VAL E 205 -12.06 -11.37 -47.30
N THR E 206 -12.31 -12.26 -48.24
CA THR E 206 -11.37 -13.32 -48.57
C THR E 206 -10.98 -13.24 -50.04
N LYS E 207 -9.73 -13.62 -50.31
CA LYS E 207 -9.22 -13.72 -51.67
C LYS E 207 -8.73 -15.14 -51.89
N SER E 208 -9.22 -15.77 -52.97
CA SER E 208 -8.97 -17.18 -53.21
C SER E 208 -8.57 -17.41 -54.65
N PHE E 209 -7.83 -18.49 -54.88
CA PHE E 209 -7.44 -18.90 -56.22
C PHE E 209 -7.32 -20.41 -56.29
N ASN E 210 -7.55 -20.94 -57.50
CA ASN E 210 -7.41 -22.36 -57.77
C ASN E 210 -6.09 -22.61 -58.48
N ARG E 211 -5.53 -23.80 -58.25
CA ARG E 211 -4.28 -24.17 -58.88
C ARG E 211 -4.43 -24.19 -60.39
N GLY E 212 -3.46 -23.61 -61.09
CA GLY E 212 -3.50 -23.56 -62.54
C GLY E 212 -4.55 -22.60 -63.08
#